data_6BUL
#
_entry.id   6BUL
#
_cell.length_a   65.825
_cell.length_b   78.912
_cell.length_c   69.370
_cell.angle_alpha   90.00
_cell.angle_beta   101.10
_cell.angle_gamma   90.00
#
_symmetry.space_group_name_H-M   'P 1 21 1'
#
loop_
_entity.id
_entity.type
_entity.pdbx_description
1 polymer 'Ketol-acid reductoisomerase (NADP(+))'
2 non-polymer 'MAGNESIUM ION'
3 non-polymer 'NADP NICOTINAMIDE-ADENINE-DINUCLEOTIDE PHOSPHATE'
4 non-polymer '{hydroxy[(1S)-1-phenylethyl]amino}(oxo)acetic acid'
5 non-polymer 'oxo{[(1S)-1-phenylethyl]amino}acetic acid'
6 water water
#
_entity_poly.entity_id   1
_entity_poly.type   'polypeptide(L)'
_entity_poly.pdbx_seq_one_letter_code
;MTTVYYDQDVKTDALQGKKIAVVGYGSQGHAHAQNLKDNGYDVVIGIRPGRSFDKAKEDGFDVFPVAEAVKQADVIMVLL
PDEIQGDVYKNEIEPNLEKHNALAFAHGFNIHFGVIQPPADVDVFLVAPKGPGHLVRRTFVEGSAVPSLFGIQQDASGQA
RNIALSYAKGIGATRAGVIETTFKEETETDLFGEQAVLCGGVSKLIQSGFETLVEAGYQPELAYFEVLHEMKLIVDLMYE
GGMENVRYSISNTAEFGDYVSGPRVITPDVKENMKAVLTDIQNGNFSNRFIEDNKNGFKEFYKLREEQHGHQIEKVGREL
REMMPFIKSKSIEKHHHHHH
;
_entity_poly.pdbx_strand_id   A,B
#
# COMPACT_ATOMS: atom_id res chain seq x y z
N THR A 2 19.42 18.41 -2.37
CA THR A 2 18.29 18.41 -3.29
C THR A 2 18.63 17.70 -4.58
N THR A 3 19.88 17.26 -4.76
CA THR A 3 20.25 16.70 -6.06
C THR A 3 19.74 15.26 -6.18
N VAL A 4 18.88 15.03 -7.17
CA VAL A 4 18.44 13.71 -7.58
C VAL A 4 19.04 13.42 -8.95
N TYR A 5 19.69 12.26 -9.09
CA TYR A 5 20.27 11.86 -10.37
C TYR A 5 19.33 10.98 -11.16
N TYR A 6 19.12 11.31 -12.45
CA TYR A 6 18.39 10.47 -13.40
C TYR A 6 19.40 9.97 -14.45
N ASP A 7 18.93 9.15 -15.39
CA ASP A 7 19.83 8.50 -16.36
C ASP A 7 20.79 9.48 -17.03
N GLN A 8 20.25 10.60 -17.55
CA GLN A 8 21.07 11.58 -18.28
C GLN A 8 22.06 12.32 -17.39
N ASP A 9 21.92 12.28 -16.06
CA ASP A 9 22.84 12.98 -15.17
C ASP A 9 24.11 12.19 -14.88
N VAL A 10 24.17 10.92 -15.26
CA VAL A 10 25.38 10.09 -15.14
C VAL A 10 26.11 10.19 -16.47
N LYS A 11 27.15 11.03 -16.53
CA LYS A 11 27.78 11.33 -17.81
C LYS A 11 28.73 10.22 -18.28
N THR A 12 29.51 9.63 -17.37
CA THR A 12 30.52 8.65 -17.74
C THR A 12 30.07 7.24 -17.38
N ASP A 13 30.32 6.25 -18.24
CA ASP A 13 30.10 4.85 -17.84
C ASP A 13 31.39 4.32 -17.25
N ALA A 14 31.54 4.53 -15.95
CA ALA A 14 32.73 4.12 -15.20
C ALA A 14 32.81 2.62 -14.93
N LEU A 15 31.79 1.85 -15.26
CA LEU A 15 31.84 0.40 -15.14
C LEU A 15 32.22 -0.30 -16.43
N GLN A 16 32.21 0.41 -17.56
CA GLN A 16 32.46 -0.22 -18.85
C GLN A 16 33.79 -0.96 -18.83
N GLY A 17 33.76 -2.23 -19.24
CA GLY A 17 34.95 -3.06 -19.27
C GLY A 17 35.35 -3.61 -17.91
N LYS A 18 34.59 -3.34 -16.84
CA LYS A 18 34.92 -3.88 -15.54
C LYS A 18 34.21 -5.23 -15.36
N LYS A 19 34.82 -6.13 -14.57
CA LYS A 19 34.19 -7.39 -14.19
C LYS A 19 33.58 -7.20 -12.80
N ILE A 20 32.29 -7.54 -12.64
CA ILE A 20 31.59 -7.31 -11.37
C ILE A 20 31.29 -8.65 -10.74
N ALA A 21 31.68 -8.84 -9.47
CA ALA A 21 31.24 -10.01 -8.72
C ALA A 21 30.07 -9.63 -7.83
N VAL A 22 28.96 -10.33 -7.96
CA VAL A 22 27.86 -10.19 -7.01
C VAL A 22 28.02 -11.34 -6.03
N VAL A 23 28.23 -11.02 -4.76
CA VAL A 23 28.47 -12.01 -3.73
C VAL A 23 27.14 -12.28 -3.03
N GLY A 24 26.63 -13.50 -3.15
CA GLY A 24 25.25 -13.73 -2.72
C GLY A 24 24.28 -13.68 -3.90
N TYR A 25 23.20 -14.44 -3.80
CA TYR A 25 22.26 -14.49 -4.92
C TYR A 25 20.88 -14.67 -4.33
N GLY A 26 20.56 -13.85 -3.34
CA GLY A 26 19.25 -13.86 -2.67
C GLY A 26 18.32 -12.79 -3.18
N SER A 27 17.58 -12.17 -2.26
CA SER A 27 16.60 -11.17 -2.68
C SER A 27 17.25 -10.05 -3.49
N GLN A 28 18.26 -9.36 -2.94
CA GLN A 28 18.95 -8.34 -3.73
C GLN A 28 19.93 -8.95 -4.75
N GLY A 29 20.69 -9.95 -4.33
CA GLY A 29 21.76 -10.50 -5.19
C GLY A 29 21.25 -10.89 -6.56
N HIS A 30 20.10 -11.62 -6.63
CA HIS A 30 19.59 -12.04 -7.94
C HIS A 30 19.17 -10.85 -8.78
N ALA A 31 18.69 -9.79 -8.15
CA ALA A 31 18.18 -8.68 -8.94
C ALA A 31 19.33 -7.81 -9.46
N HIS A 32 20.33 -7.52 -8.61
CA HIS A 32 21.45 -6.71 -9.10
C HIS A 32 22.11 -7.44 -10.26
N ALA A 33 22.30 -8.75 -10.10
CA ALA A 33 23.06 -9.50 -11.11
C ALA A 33 22.32 -9.56 -12.44
N GLN A 34 21.01 -9.81 -12.41
CA GLN A 34 20.27 -9.92 -13.66
C GLN A 34 20.08 -8.56 -14.33
N ASN A 35 19.84 -7.48 -13.57
CA ASN A 35 19.72 -6.16 -14.18
C ASN A 35 21.04 -5.73 -14.82
N LEU A 36 22.15 -5.97 -14.13
CA LEU A 36 23.44 -5.56 -14.66
C LEU A 36 23.80 -6.37 -15.90
N LYS A 37 23.50 -7.68 -15.89
CA LYS A 37 23.74 -8.51 -17.08
C LYS A 37 22.88 -8.07 -18.26
N ASP A 38 21.59 -7.80 -18.04
CA ASP A 38 20.73 -7.27 -19.11
C ASP A 38 21.24 -5.92 -19.65
N ASN A 39 21.88 -5.10 -18.81
CA ASN A 39 22.47 -3.83 -19.27
C ASN A 39 23.84 -4.01 -19.92
N GLY A 40 24.29 -5.24 -20.10
CA GLY A 40 25.49 -5.49 -20.86
C GLY A 40 26.78 -5.63 -20.07
N TYR A 41 26.74 -5.68 -18.75
CA TYR A 41 27.96 -5.77 -17.96
C TYR A 41 28.38 -7.20 -17.77
N ASP A 42 29.67 -7.38 -17.53
CA ASP A 42 30.30 -8.67 -17.28
C ASP A 42 30.15 -8.98 -15.81
N VAL A 43 29.22 -9.89 -15.46
CA VAL A 43 28.88 -10.19 -14.08
C VAL A 43 29.16 -11.66 -13.78
N VAL A 44 29.86 -11.94 -12.67
CA VAL A 44 29.98 -13.30 -12.18
C VAL A 44 29.39 -13.36 -10.77
N ILE A 45 29.04 -14.57 -10.33
CA ILE A 45 28.42 -14.78 -9.01
C ILE A 45 29.43 -15.45 -8.08
N GLY A 46 29.60 -14.91 -6.88
CA GLY A 46 30.39 -15.60 -5.85
C GLY A 46 29.43 -16.10 -4.77
N ILE A 47 29.43 -17.39 -4.46
CA ILE A 47 28.38 -17.98 -3.63
C ILE A 47 28.85 -19.37 -3.18
N ARG A 48 28.47 -19.77 -1.96
CA ARG A 48 28.77 -21.11 -1.45
C ARG A 48 27.87 -22.13 -2.17
N PRO A 49 28.29 -23.40 -2.22
CA PRO A 49 27.42 -24.43 -2.81
C PRO A 49 26.09 -24.49 -2.08
N GLY A 50 25.03 -24.74 -2.82
CA GLY A 50 23.71 -24.88 -2.20
C GLY A 50 22.64 -24.43 -3.16
N ARG A 51 21.49 -24.07 -2.57
CA ARG A 51 20.35 -23.67 -3.37
C ARG A 51 20.63 -22.44 -4.27
N SER A 52 21.29 -21.40 -3.71
CA SER A 52 21.57 -20.18 -4.50
C SER A 52 22.57 -20.45 -5.62
N PHE A 53 23.60 -21.23 -5.32
CA PHE A 53 24.53 -21.63 -6.38
C PHE A 53 23.77 -22.25 -7.57
N ASP A 54 22.84 -23.17 -7.28
CA ASP A 54 22.14 -23.88 -8.36
C ASP A 54 21.25 -22.93 -9.14
N LYS A 55 20.58 -22.02 -8.45
CA LYS A 55 19.69 -21.08 -9.13
C LYS A 55 20.48 -20.14 -10.04
N ALA A 56 21.62 -19.60 -9.55
CA ALA A 56 22.46 -18.73 -10.39
C ALA A 56 22.92 -19.46 -11.65
N LYS A 57 23.29 -20.72 -11.51
CA LYS A 57 23.75 -21.47 -12.68
C LYS A 57 22.59 -21.70 -13.63
N GLU A 58 21.40 -21.98 -13.07
CA GLU A 58 20.21 -22.17 -13.90
C GLU A 58 19.86 -20.88 -14.63
N ASP A 59 20.09 -19.71 -14.02
CA ASP A 59 19.79 -18.43 -14.65
C ASP A 59 20.85 -17.98 -15.64
N GLY A 60 21.87 -18.79 -15.90
CA GLY A 60 22.86 -18.49 -16.94
C GLY A 60 24.14 -17.82 -16.50
N PHE A 61 24.42 -17.71 -15.22
CA PHE A 61 25.63 -17.03 -14.77
C PHE A 61 26.80 -18.01 -14.66
N ASP A 62 28.01 -17.47 -14.80
CA ASP A 62 29.19 -18.16 -14.35
C ASP A 62 29.27 -18.01 -12.84
N VAL A 63 29.41 -19.13 -12.14
CA VAL A 63 29.26 -19.15 -10.69
C VAL A 63 30.52 -19.76 -10.07
N PHE A 64 31.08 -19.08 -9.07
CA PHE A 64 32.32 -19.47 -8.44
C PHE A 64 32.19 -19.37 -6.93
N PRO A 65 33.07 -20.01 -6.20
CA PRO A 65 33.21 -19.70 -4.76
C PRO A 65 33.51 -18.22 -4.56
N VAL A 66 33.15 -17.71 -3.37
CA VAL A 66 33.32 -16.28 -3.12
C VAL A 66 34.76 -15.84 -3.39
N ALA A 67 35.74 -16.59 -2.85
CA ALA A 67 37.14 -16.16 -2.97
C ALA A 67 37.57 -16.01 -4.42
N GLU A 68 37.13 -16.93 -5.27
CA GLU A 68 37.53 -16.91 -6.66
C GLU A 68 36.82 -15.80 -7.42
N ALA A 69 35.53 -15.57 -7.14
CA ALA A 69 34.82 -14.43 -7.71
C ALA A 69 35.54 -13.13 -7.39
N VAL A 70 36.02 -13.00 -6.15
CA VAL A 70 36.66 -11.77 -5.70
C VAL A 70 37.98 -11.59 -6.44
N LYS A 71 38.71 -12.68 -6.65
CA LYS A 71 39.97 -12.59 -7.40
C LYS A 71 39.74 -12.11 -8.82
N GLN A 72 38.75 -12.66 -9.49
CA GLN A 72 38.46 -12.27 -10.87
C GLN A 72 37.95 -10.83 -11.00
N ALA A 73 37.23 -10.31 -10.01
CA ALA A 73 36.44 -9.12 -10.20
C ALA A 73 37.19 -7.81 -9.91
N ASP A 74 36.74 -6.76 -10.57
CA ASP A 74 37.17 -5.39 -10.22
C ASP A 74 36.28 -4.76 -9.15
N VAL A 75 34.98 -5.06 -9.20
CA VAL A 75 33.98 -4.48 -8.32
C VAL A 75 33.30 -5.64 -7.62
N ILE A 76 33.23 -5.60 -6.28
CA ILE A 76 32.72 -6.71 -5.50
C ILE A 76 31.53 -6.19 -4.69
N MET A 77 30.29 -6.62 -5.04
CA MET A 77 29.06 -6.16 -4.35
C MET A 77 28.61 -7.24 -3.36
N VAL A 78 28.59 -6.89 -2.08
CA VAL A 78 28.39 -7.85 -1.00
C VAL A 78 26.90 -7.89 -0.67
N LEU A 79 26.25 -8.98 -1.04
CA LEU A 79 24.81 -9.09 -0.89
C LEU A 79 24.46 -10.33 -0.11
N LEU A 80 25.23 -10.58 0.96
CA LEU A 80 25.00 -11.61 1.96
C LEU A 80 24.14 -11.06 3.09
N PRO A 81 23.54 -11.92 3.91
CA PRO A 81 22.80 -11.41 5.08
C PRO A 81 23.72 -10.54 5.94
N ASP A 82 23.18 -9.46 6.53
CA ASP A 82 24.07 -8.53 7.24
C ASP A 82 24.84 -9.20 8.38
N GLU A 83 24.24 -10.21 9.03
CA GLU A 83 24.88 -10.81 10.19
C GLU A 83 26.00 -11.77 9.81
N ILE A 84 26.12 -12.11 8.52
CA ILE A 84 27.08 -13.07 7.96
C ILE A 84 28.26 -12.36 7.32
N GLN A 85 28.12 -11.10 6.98
CA GLN A 85 29.14 -10.42 6.18
C GLN A 85 30.48 -10.37 6.87
N GLY A 86 30.51 -10.07 8.17
CA GLY A 86 31.80 -9.88 8.85
C GLY A 86 32.71 -11.08 8.71
N ASP A 87 32.17 -12.27 8.96
CA ASP A 87 32.94 -13.51 8.88
C ASP A 87 33.30 -13.87 7.44
N VAL A 88 32.36 -13.71 6.50
CA VAL A 88 32.70 -14.05 5.13
C VAL A 88 33.71 -13.06 4.57
N TYR A 89 33.55 -11.79 4.93
CA TYR A 89 34.52 -10.80 4.50
C TYR A 89 35.92 -11.17 4.98
N LYS A 90 36.05 -11.51 6.26
CA LYS A 90 37.38 -11.76 6.81
C LYS A 90 38.02 -13.00 6.17
N ASN A 91 37.23 -14.03 5.89
CA ASN A 91 37.74 -15.34 5.49
C ASN A 91 37.90 -15.49 3.99
N GLU A 92 36.99 -14.92 3.22
CA GLU A 92 36.89 -15.11 1.77
C GLU A 92 37.08 -13.84 0.94
N ILE A 93 36.79 -12.65 1.49
CA ILE A 93 36.87 -11.51 0.59
C ILE A 93 38.18 -10.75 0.78
N GLU A 94 38.47 -10.34 2.01
CA GLU A 94 39.63 -9.50 2.26
C GLU A 94 40.95 -10.12 1.79
N PRO A 95 41.23 -11.42 1.99
CA PRO A 95 42.52 -11.96 1.47
C PRO A 95 42.66 -11.91 -0.03
N ASN A 96 41.56 -11.76 -0.75
CA ASN A 96 41.59 -11.80 -2.19
C ASN A 96 41.40 -10.46 -2.89
N LEU A 97 41.19 -9.37 -2.17
CA LEU A 97 41.07 -8.05 -2.77
C LEU A 97 42.43 -7.58 -3.29
N GLU A 98 42.40 -6.90 -4.42
CA GLU A 98 43.61 -6.25 -4.97
C GLU A 98 43.52 -4.74 -4.78
N LYS A 99 44.65 -4.07 -4.88
CA LYS A 99 44.67 -2.62 -4.81
C LYS A 99 43.77 -1.99 -5.87
N HIS A 100 42.93 -1.04 -5.43
CA HIS A 100 41.98 -0.26 -6.22
C HIS A 100 40.84 -1.08 -6.82
N ASN A 101 40.63 -2.32 -6.34
CA ASN A 101 39.31 -2.94 -6.47
C ASN A 101 38.31 -2.04 -5.72
N ALA A 102 37.02 -2.22 -6.00
CA ALA A 102 35.98 -1.49 -5.31
C ALA A 102 35.15 -2.51 -4.56
N LEU A 103 34.84 -2.24 -3.29
CA LEU A 103 34.01 -3.13 -2.46
C LEU A 103 32.72 -2.38 -2.19
N ALA A 104 31.56 -3.05 -2.32
CA ALA A 104 30.33 -2.30 -2.31
C ALA A 104 29.30 -3.07 -1.48
N PHE A 105 28.32 -2.34 -0.98
CA PHE A 105 27.28 -2.91 -0.14
C PHE A 105 25.97 -2.31 -0.60
N ALA A 106 24.86 -2.98 -0.23
CA ALA A 106 23.52 -2.46 -0.43
C ALA A 106 22.89 -1.96 0.87
N HIS A 107 23.63 -1.99 1.97
CA HIS A 107 23.18 -1.53 3.28
C HIS A 107 24.43 -1.14 4.03
N GLY A 108 24.38 0.00 4.74
CA GLY A 108 25.59 0.48 5.40
C GLY A 108 25.94 -0.16 6.71
N PHE A 109 25.10 -1.06 7.24
CA PHE A 109 25.26 -1.66 8.56
C PHE A 109 26.70 -2.05 8.92
N ASN A 110 27.29 -2.96 8.17
CA ASN A 110 28.57 -3.50 8.62
C ASN A 110 29.67 -2.45 8.64
N ILE A 111 29.68 -1.53 7.68
CA ILE A 111 30.72 -0.48 7.65
C ILE A 111 30.45 0.55 8.74
N HIS A 112 29.20 1.00 8.86
CA HIS A 112 28.88 2.06 9.80
C HIS A 112 29.07 1.63 11.24
N PHE A 113 28.60 0.43 11.60
CA PHE A 113 28.79 -0.03 12.97
C PHE A 113 30.16 -0.69 13.19
N GLY A 114 31.07 -0.60 12.21
CA GLY A 114 32.46 -0.94 12.46
C GLY A 114 32.73 -2.42 12.49
N VAL A 115 31.85 -3.23 11.93
CA VAL A 115 32.11 -4.67 11.92
C VAL A 115 33.15 -5.01 10.87
N ILE A 116 33.05 -4.40 9.69
CA ILE A 116 34.05 -4.55 8.62
C ILE A 116 34.88 -3.29 8.55
N GLN A 117 36.22 -3.45 8.63
CA GLN A 117 37.18 -2.37 8.39
C GLN A 117 37.93 -2.62 7.09
N PRO A 118 37.58 -1.98 5.98
CA PRO A 118 38.19 -2.32 4.67
C PRO A 118 39.62 -1.85 4.61
N PRO A 119 40.46 -2.43 3.74
CA PRO A 119 41.82 -1.92 3.60
C PRO A 119 41.80 -0.55 2.99
N ALA A 120 42.84 0.22 3.31
CA ALA A 120 42.89 1.63 2.94
C ALA A 120 43.00 1.88 1.44
N ASP A 121 43.45 0.89 0.66
CA ASP A 121 43.73 1.08 -0.76
C ASP A 121 42.63 0.53 -1.66
N VAL A 122 41.40 0.41 -1.12
CA VAL A 122 40.26 -0.15 -1.85
C VAL A 122 39.11 0.86 -1.80
N ASP A 123 38.42 1.06 -2.92
CA ASP A 123 37.24 1.93 -2.94
C ASP A 123 36.12 1.23 -2.16
N VAL A 124 35.32 2.00 -1.42
CA VAL A 124 34.18 1.47 -0.64
C VAL A 124 32.96 2.35 -0.89
N PHE A 125 31.88 1.76 -1.43
CA PHE A 125 30.68 2.52 -1.73
C PHE A 125 29.44 1.71 -1.40
N LEU A 126 28.30 2.39 -1.37
CA LEU A 126 27.04 1.65 -1.25
C LEU A 126 26.11 2.11 -2.36
N VAL A 127 25.28 1.16 -2.83
CA VAL A 127 24.12 1.48 -3.65
C VAL A 127 22.96 0.69 -3.01
N ALA A 128 22.00 1.41 -2.39
CA ALA A 128 20.95 0.77 -1.57
C ALA A 128 19.59 1.00 -2.19
N PRO A 129 18.98 -0.01 -2.84
CA PRO A 129 17.62 0.17 -3.35
C PRO A 129 16.62 0.29 -2.20
N LYS A 130 15.69 1.23 -2.36
CA LYS A 130 14.65 1.46 -1.39
C LYS A 130 13.45 0.61 -1.79
N GLY A 131 13.66 -0.72 -1.80
CA GLY A 131 12.63 -1.64 -2.23
C GLY A 131 13.10 -3.09 -2.19
N PRO A 132 12.16 -4.03 -2.12
CA PRO A 132 12.54 -5.45 -2.05
C PRO A 132 13.17 -5.87 -3.35
N GLY A 133 14.14 -6.79 -3.25
CA GLY A 133 14.90 -7.18 -4.43
C GLY A 133 14.07 -7.78 -5.55
N HIS A 134 13.00 -8.52 -5.19
CA HIS A 134 12.15 -9.09 -6.24
C HIS A 134 11.51 -8.00 -7.08
N LEU A 135 11.21 -6.84 -6.50
CA LEU A 135 10.67 -5.72 -7.29
C LEU A 135 11.74 -4.85 -7.91
N VAL A 136 12.96 -4.81 -7.35
CA VAL A 136 14.09 -4.21 -8.09
C VAL A 136 14.21 -4.86 -9.47
N ARG A 137 14.13 -6.19 -9.51
CA ARG A 137 14.15 -6.93 -10.77
C ARG A 137 12.86 -6.73 -11.58
N ARG A 138 11.69 -6.91 -10.97
CA ARG A 138 10.45 -6.86 -11.75
C ARG A 138 10.19 -5.47 -12.37
N THR A 139 10.34 -4.38 -11.58
CA THR A 139 10.19 -3.03 -12.15
C THR A 139 11.15 -2.84 -13.33
N PHE A 140 12.40 -3.27 -13.18
CA PHE A 140 13.39 -3.11 -14.25
C PHE A 140 12.90 -3.79 -15.53
N VAL A 141 12.37 -5.02 -15.40
CA VAL A 141 11.89 -5.78 -16.53
C VAL A 141 10.71 -5.08 -17.19
N GLU A 142 9.90 -4.39 -16.40
CA GLU A 142 8.71 -3.70 -16.91
C GLU A 142 9.02 -2.31 -17.46
N GLY A 143 10.26 -1.86 -17.37
CA GLY A 143 10.63 -0.54 -17.85
C GLY A 143 10.66 0.57 -16.80
N SER A 144 10.29 0.30 -15.55
CA SER A 144 10.44 1.28 -14.48
C SER A 144 11.62 0.88 -13.60
N ALA A 145 11.57 1.22 -12.31
CA ALA A 145 12.72 0.95 -11.44
C ALA A 145 12.37 1.29 -10.01
N VAL A 146 13.20 0.81 -9.09
CA VAL A 146 13.13 1.16 -7.67
C VAL A 146 14.15 2.27 -7.40
N PRO A 147 13.76 3.38 -6.76
CA PRO A 147 14.76 4.44 -6.47
C PRO A 147 15.83 3.89 -5.55
N SER A 148 17.06 4.49 -5.59
CA SER A 148 18.14 3.99 -4.74
C SER A 148 18.91 5.16 -4.13
N LEU A 149 19.68 4.85 -3.09
CA LEU A 149 20.64 5.78 -2.50
C LEU A 149 22.04 5.33 -2.88
N PHE A 150 23.00 6.25 -2.95
CA PHE A 150 24.40 5.87 -3.10
C PHE A 150 25.27 6.72 -2.18
N GLY A 151 26.37 6.15 -1.71
CA GLY A 151 27.29 6.89 -0.85
C GLY A 151 28.69 6.35 -0.97
N ILE A 152 29.68 7.16 -0.58
CA ILE A 152 31.09 6.75 -0.62
C ILE A 152 31.66 6.79 0.79
N GLN A 153 32.27 5.69 1.21
CA GLN A 153 33.04 5.65 2.46
C GLN A 153 34.53 5.93 2.23
N GLN A 154 35.11 5.37 1.17
CA GLN A 154 36.55 5.53 0.88
C GLN A 154 36.73 5.69 -0.62
N ASP A 155 37.64 6.57 -1.03
CA ASP A 155 37.93 6.74 -2.46
C ASP A 155 39.44 6.59 -2.62
N ALA A 156 39.89 5.38 -2.94
CA ALA A 156 41.30 5.10 -3.05
C ALA A 156 41.79 5.36 -4.45
N SER A 157 41.00 4.98 -5.45
CA SER A 157 41.46 5.09 -6.83
C SER A 157 41.16 6.45 -7.43
N GLY A 158 40.32 7.27 -6.77
CA GLY A 158 39.82 8.48 -7.38
C GLY A 158 38.60 8.24 -8.23
N GLN A 159 38.13 6.99 -8.36
CA GLN A 159 36.97 6.68 -9.19
C GLN A 159 35.71 6.32 -8.40
N ALA A 160 35.79 6.27 -7.07
CA ALA A 160 34.70 5.64 -6.29
C ALA A 160 33.34 6.26 -6.61
N ARG A 161 33.27 7.58 -6.68
CA ARG A 161 31.97 8.22 -6.90
C ARG A 161 31.43 7.95 -8.29
N ASN A 162 32.26 8.06 -9.33
CA ASN A 162 31.86 7.67 -10.69
C ASN A 162 31.36 6.23 -10.75
N ILE A 163 32.09 5.30 -10.11
CA ILE A 163 31.72 3.88 -10.16
C ILE A 163 30.38 3.67 -9.47
N ALA A 164 30.18 4.33 -8.32
CA ALA A 164 28.92 4.10 -7.60
C ALA A 164 27.71 4.60 -8.42
N LEU A 165 27.84 5.75 -9.07
CA LEU A 165 26.73 6.27 -9.90
C LEU A 165 26.47 5.41 -11.13
N SER A 166 27.52 4.96 -11.81
CA SER A 166 27.33 4.01 -12.91
C SER A 166 26.71 2.70 -12.44
N TYR A 167 27.09 2.23 -11.23
CA TYR A 167 26.48 1.01 -10.70
C TYR A 167 25.01 1.24 -10.46
N ALA A 168 24.65 2.36 -9.83
CA ALA A 168 23.22 2.63 -9.61
C ALA A 168 22.45 2.71 -10.94
N LYS A 169 23.05 3.33 -11.95
CA LYS A 169 22.42 3.37 -13.26
C LYS A 169 22.33 1.96 -13.87
N GLY A 170 23.37 1.15 -13.64
CA GLY A 170 23.41 -0.19 -14.24
C GLY A 170 22.37 -1.14 -13.70
N ILE A 171 21.92 -0.93 -12.44
CA ILE A 171 20.81 -1.76 -11.91
C ILE A 171 19.47 -1.11 -12.19
N GLY A 172 19.42 0.01 -12.92
CA GLY A 172 18.16 0.59 -13.32
C GLY A 172 17.68 1.74 -12.47
N ALA A 173 18.35 2.03 -11.33
CA ALA A 173 17.76 2.93 -10.32
C ALA A 173 17.59 4.38 -10.79
N THR A 174 18.47 4.89 -11.66
CA THR A 174 18.34 6.25 -12.16
C THR A 174 17.09 6.51 -13.00
N ARG A 175 16.38 5.49 -13.50
CA ARG A 175 15.06 5.70 -14.11
C ARG A 175 14.06 6.28 -13.11
N ALA A 176 14.20 5.93 -11.83
CA ALA A 176 13.28 6.44 -10.81
C ALA A 176 13.89 7.54 -9.95
N GLY A 177 15.22 7.64 -9.92
CA GLY A 177 15.90 8.64 -9.14
C GLY A 177 16.88 8.06 -8.13
N VAL A 178 18.04 8.67 -8.02
CA VAL A 178 19.11 8.25 -7.11
C VAL A 178 19.57 9.47 -6.34
N ILE A 179 19.86 9.30 -5.05
CA ILE A 179 20.21 10.40 -4.14
C ILE A 179 21.47 10.02 -3.40
N GLU A 180 22.39 10.98 -3.26
CA GLU A 180 23.62 10.69 -2.53
C GLU A 180 23.39 10.75 -1.03
N THR A 181 24.01 10.06 -0.21
CA THR A 181 23.81 9.87 1.23
C THR A 181 25.15 9.41 1.81
N THR A 182 25.26 9.24 3.08
CA THR A 182 26.44 8.71 3.80
C THR A 182 26.11 7.31 4.32
N PHE A 183 27.15 6.57 4.70
CA PHE A 183 26.88 5.25 5.28
C PHE A 183 26.08 5.39 6.57
N LYS A 184 26.34 6.45 7.36
CA LYS A 184 25.57 6.62 8.61
C LYS A 184 24.10 6.89 8.32
N GLU A 185 23.81 7.81 7.37
CA GLU A 185 22.40 8.16 7.14
C GLU A 185 21.63 7.03 6.49
N GLU A 186 22.23 6.38 5.48
CA GLU A 186 21.55 5.22 4.91
C GLU A 186 21.25 4.18 5.99
N THR A 187 22.22 3.88 6.87
CA THR A 187 22.03 2.80 7.84
C THR A 187 20.90 3.12 8.83
N GLU A 188 20.95 4.31 9.42
CA GLU A 188 19.95 4.70 10.42
C GLU A 188 18.57 4.82 9.81
N THR A 189 18.44 5.46 8.63
CA THR A 189 17.10 5.62 8.04
C THR A 189 16.52 4.30 7.52
N ASP A 190 17.40 3.43 7.00
CA ASP A 190 16.90 2.15 6.51
C ASP A 190 16.37 1.29 7.67
N LEU A 191 17.13 1.21 8.77
CA LEU A 191 16.67 0.46 9.92
C LEU A 191 15.41 1.09 10.49
N PHE A 192 15.37 2.43 10.56
CA PHE A 192 14.14 3.06 11.08
C PHE A 192 12.94 2.73 10.21
N GLY A 193 13.07 2.85 8.90
CA GLY A 193 11.90 2.63 8.03
C GLY A 193 11.33 1.22 8.17
N GLU A 194 12.19 0.19 8.12
CA GLU A 194 11.64 -1.17 8.23
C GLU A 194 11.06 -1.44 9.63
N GLN A 195 11.68 -0.88 10.68
CA GLN A 195 11.26 -1.14 12.06
C GLN A 195 9.95 -0.42 12.40
N ALA A 196 9.85 0.85 12.07
CA ALA A 196 8.78 1.71 12.60
C ALA A 196 7.61 1.89 11.64
N VAL A 197 7.84 1.71 10.33
CA VAL A 197 6.83 2.06 9.34
C VAL A 197 6.50 0.88 8.42
N LEU A 198 7.49 0.35 7.70
CA LEU A 198 7.25 -0.50 6.54
C LEU A 198 6.99 -1.96 6.89
N CYS A 199 7.49 -2.44 8.02
N CYS A 199 7.62 -2.45 7.95
CA CYS A 199 7.28 -3.82 8.41
CA CYS A 199 7.45 -3.82 8.42
C CYS A 199 6.79 -3.91 9.84
C CYS A 199 6.77 -3.75 9.79
N GLY A 200 7.54 -3.36 10.80
CA GLY A 200 7.05 -3.36 12.17
C GLY A 200 5.76 -2.59 12.32
N GLY A 201 5.77 -1.33 11.88
CA GLY A 201 4.61 -0.47 12.07
C GLY A 201 3.37 -0.96 11.36
N VAL A 202 3.47 -1.13 10.04
CA VAL A 202 2.24 -1.33 9.29
C VAL A 202 1.71 -2.73 9.49
N SER A 203 2.58 -3.74 9.63
CA SER A 203 2.05 -5.08 9.84
C SER A 203 1.28 -5.17 11.16
N LYS A 204 1.79 -4.52 12.22
CA LYS A 204 1.07 -4.54 13.50
C LYS A 204 -0.18 -3.69 13.44
N LEU A 205 -0.14 -2.61 12.66
CA LEU A 205 -1.36 -1.82 12.45
C LEU A 205 -2.45 -2.67 11.83
N ILE A 206 -2.10 -3.37 10.76
CA ILE A 206 -3.04 -4.25 10.04
C ILE A 206 -3.56 -5.35 10.96
N GLN A 207 -2.67 -5.98 11.71
CA GLN A 207 -3.10 -7.02 12.63
C GLN A 207 -4.01 -6.47 13.72
N SER A 208 -3.66 -5.30 14.28
CA SER A 208 -4.56 -4.74 15.30
C SER A 208 -5.94 -4.42 14.72
N GLY A 209 -5.99 -3.84 13.51
CA GLY A 209 -7.29 -3.52 12.92
C GLY A 209 -8.11 -4.76 12.61
N PHE A 210 -7.47 -5.78 12.03
CA PHE A 210 -8.13 -7.06 11.79
C PHE A 210 -8.66 -7.70 13.07
N GLU A 211 -7.82 -7.79 14.11
CA GLU A 211 -8.26 -8.35 15.38
C GLU A 211 -9.44 -7.59 15.96
N THR A 212 -9.42 -6.25 15.91
CA THR A 212 -10.55 -5.46 16.40
C THR A 212 -11.85 -5.87 15.71
N LEU A 213 -11.80 -6.02 14.38
CA LEU A 213 -13.04 -6.34 13.68
C LEU A 213 -13.50 -7.78 13.96
N VAL A 214 -12.56 -8.75 14.02
CA VAL A 214 -13.05 -10.11 14.24
C VAL A 214 -13.47 -10.33 15.69
N GLU A 215 -12.78 -9.72 16.65
CA GLU A 215 -13.21 -9.77 18.03
C GLU A 215 -14.57 -9.11 18.25
N ALA A 216 -14.90 -8.11 17.44
CA ALA A 216 -16.24 -7.51 17.52
C ALA A 216 -17.33 -8.38 16.87
N GLY A 217 -16.98 -9.48 16.20
CA GLY A 217 -17.98 -10.39 15.65
C GLY A 217 -18.20 -10.30 14.16
N TYR A 218 -17.41 -9.49 13.43
CA TYR A 218 -17.64 -9.34 11.99
C TYR A 218 -17.03 -10.52 11.21
N GLN A 219 -17.50 -10.72 9.97
CA GLN A 219 -16.98 -11.81 9.12
C GLN A 219 -15.50 -11.58 8.88
N PRO A 220 -14.63 -12.58 9.08
CA PRO A 220 -13.18 -12.35 8.85
C PRO A 220 -12.89 -11.97 7.40
N GLU A 221 -13.69 -12.40 6.42
CA GLU A 221 -13.43 -11.99 5.03
C GLU A 221 -13.63 -10.49 4.84
N LEU A 222 -14.65 -9.93 5.48
CA LEU A 222 -14.85 -8.48 5.41
C LEU A 222 -13.71 -7.74 6.10
N ALA A 223 -13.25 -8.26 7.23
CA ALA A 223 -12.15 -7.60 7.92
C ALA A 223 -10.90 -7.61 7.03
N TYR A 224 -10.73 -8.68 6.26
CA TYR A 224 -9.58 -8.76 5.34
C TYR A 224 -9.66 -7.70 4.25
N PHE A 225 -10.84 -7.53 3.65
CA PHE A 225 -10.98 -6.53 2.60
C PHE A 225 -10.65 -5.14 3.12
N GLU A 226 -11.13 -4.81 4.34
CA GLU A 226 -10.93 -3.44 4.83
C GLU A 226 -9.49 -3.20 5.21
N VAL A 227 -8.88 -4.14 5.93
CA VAL A 227 -7.53 -3.93 6.48
C VAL A 227 -6.37 -4.21 5.51
N LEU A 228 -6.57 -5.05 4.49
CA LEU A 228 -5.41 -5.42 3.66
C LEU A 228 -5.66 -5.21 2.19
N HIS A 229 -6.77 -5.71 1.65
CA HIS A 229 -7.05 -5.49 0.24
C HIS A 229 -7.19 -3.99 -0.08
N GLU A 230 -7.99 -3.27 0.71
CA GLU A 230 -8.15 -1.83 0.47
C GLU A 230 -6.86 -1.08 0.77
N MET A 231 -6.01 -1.66 1.61
CA MET A 231 -4.76 -1.00 1.94
C MET A 231 -3.88 -0.89 0.70
N LYS A 232 -3.86 -1.95 -0.09
CA LYS A 232 -3.16 -1.90 -1.37
C LYS A 232 -3.70 -0.79 -2.25
N LEU A 233 -5.02 -0.62 -2.30
CA LEU A 233 -5.61 0.37 -3.20
C LEU A 233 -5.32 1.81 -2.73
N ILE A 234 -5.28 2.05 -1.41
CA ILE A 234 -5.04 3.42 -0.96
C ILE A 234 -3.58 3.78 -1.10
N VAL A 235 -2.69 2.85 -0.78
CA VAL A 235 -1.26 3.16 -0.95
C VAL A 235 -0.91 3.33 -2.42
N ASP A 236 -1.56 2.58 -3.31
CA ASP A 236 -1.38 2.81 -4.75
C ASP A 236 -1.71 4.26 -5.13
N LEU A 237 -2.79 4.80 -4.59
CA LEU A 237 -3.16 6.16 -4.94
C LEU A 237 -2.13 7.17 -4.42
N MET A 238 -1.59 6.92 -3.22
CA MET A 238 -0.57 7.81 -2.65
C MET A 238 0.68 7.79 -3.50
N TYR A 239 1.10 6.58 -3.88
CA TYR A 239 2.29 6.36 -4.69
C TYR A 239 2.18 7.10 -6.01
N GLU A 240 0.97 7.12 -6.59
CA GLU A 240 0.77 7.78 -7.88
C GLU A 240 0.54 9.29 -7.78
N GLY A 241 -0.06 9.76 -6.70
CA GLY A 241 -0.44 11.18 -6.65
C GLY A 241 -0.48 11.84 -5.28
N GLY A 242 0.11 11.24 -4.27
CA GLY A 242 0.03 11.89 -2.98
C GLY A 242 -1.36 11.81 -2.33
N MET A 243 -1.47 12.50 -1.18
CA MET A 243 -2.72 12.51 -0.41
C MET A 243 -3.85 13.21 -1.15
N GLU A 244 -3.53 14.19 -2.01
CA GLU A 244 -4.58 14.82 -2.81
C GLU A 244 -5.25 13.82 -3.72
N ASN A 245 -4.46 12.89 -4.28
CA ASN A 245 -5.02 11.86 -5.14
C ASN A 245 -5.94 10.95 -4.34
N VAL A 246 -5.56 10.64 -3.10
CA VAL A 246 -6.45 9.89 -2.21
C VAL A 246 -7.74 10.65 -1.96
N ARG A 247 -7.65 11.92 -1.53
CA ARG A 247 -8.86 12.67 -1.22
C ARG A 247 -9.76 12.80 -2.42
N TYR A 248 -9.20 12.90 -3.62
CA TYR A 248 -10.02 12.98 -4.82
C TYR A 248 -10.77 11.68 -5.09
N SER A 249 -10.31 10.54 -4.55
CA SER A 249 -10.93 9.27 -4.86
C SER A 249 -11.95 8.80 -3.82
N ILE A 250 -11.85 9.27 -2.59
CA ILE A 250 -12.65 8.73 -1.48
C ILE A 250 -13.86 9.63 -1.28
N SER A 251 -14.84 9.17 -0.49
CA SER A 251 -15.98 9.99 -0.16
C SER A 251 -15.64 11.01 0.93
N ASN A 252 -16.48 12.05 1.02
CA ASN A 252 -16.41 12.97 2.14
C ASN A 252 -16.51 12.25 3.48
N THR A 253 -17.34 11.19 3.55
CA THR A 253 -17.46 10.42 4.78
C THR A 253 -16.11 9.87 5.21
N ALA A 254 -15.38 9.29 4.28
CA ALA A 254 -14.07 8.71 4.59
C ALA A 254 -13.07 9.79 4.95
N GLU A 255 -13.09 10.88 4.21
CA GLU A 255 -12.14 11.97 4.49
C GLU A 255 -12.40 12.59 5.87
N PHE A 256 -13.66 12.82 6.21
CA PHE A 256 -14.00 13.32 7.55
C PHE A 256 -13.60 12.32 8.65
N GLY A 257 -13.87 11.03 8.43
CA GLY A 257 -13.47 10.02 9.40
C GLY A 257 -11.97 9.99 9.64
N ASP A 258 -11.19 10.10 8.58
CA ASP A 258 -9.74 10.26 8.73
C ASP A 258 -9.41 11.40 9.69
N TYR A 259 -9.98 12.60 9.44
CA TYR A 259 -9.67 13.79 10.26
C TYR A 259 -10.09 13.62 11.72
N VAL A 260 -11.29 13.06 12.01
CA VAL A 260 -11.73 13.00 13.40
C VAL A 260 -11.26 11.76 14.15
N SER A 261 -11.00 10.64 13.46
CA SER A 261 -10.69 9.39 14.14
C SER A 261 -9.24 8.98 14.04
N GLY A 262 -8.56 9.32 12.95
CA GLY A 262 -7.15 9.03 12.78
C GLY A 262 -6.28 9.46 13.96
N PRO A 263 -6.49 10.67 14.49
CA PRO A 263 -5.67 11.10 15.64
C PRO A 263 -5.93 10.32 16.91
N ARG A 264 -7.07 9.62 17.02
CA ARG A 264 -7.25 8.73 18.16
C ARG A 264 -6.41 7.47 18.04
N VAL A 265 -6.00 7.10 16.83
CA VAL A 265 -5.35 5.81 16.55
C VAL A 265 -3.85 6.05 16.46
N ILE A 266 -3.43 6.93 15.57
CA ILE A 266 -2.01 7.29 15.44
C ILE A 266 -1.86 8.56 16.26
N THR A 267 -1.61 8.38 17.55
CA THR A 267 -1.61 9.47 18.52
C THR A 267 -0.23 10.08 18.59
N PRO A 268 -0.10 11.23 19.25
CA PRO A 268 1.26 11.75 19.48
C PRO A 268 2.13 10.76 20.24
N ASP A 269 1.55 9.88 21.08
CA ASP A 269 2.29 8.79 21.71
C ASP A 269 2.95 7.89 20.67
N VAL A 270 2.25 7.59 19.56
CA VAL A 270 2.83 6.69 18.56
C VAL A 270 4.08 7.33 17.95
N LYS A 271 4.04 8.65 17.69
CA LYS A 271 5.24 9.33 17.18
C LYS A 271 6.39 9.34 18.20
N GLU A 272 6.11 9.55 19.48
CA GLU A 272 7.18 9.44 20.49
C GLU A 272 7.78 8.03 20.53
N ASN A 273 6.95 6.99 20.35
CA ASN A 273 7.49 5.65 20.29
C ASN A 273 8.44 5.53 19.09
N MET A 274 8.07 6.15 17.95
CA MET A 274 8.94 6.11 16.77
C MET A 274 10.27 6.76 17.06
N LYS A 275 10.24 7.88 17.79
CA LYS A 275 11.51 8.53 18.14
C LYS A 275 12.35 7.68 19.09
N ALA A 276 11.71 6.95 20.01
CA ALA A 276 12.47 6.00 20.85
C ALA A 276 13.14 4.87 20.03
N VAL A 277 12.44 4.32 19.03
CA VAL A 277 13.03 3.30 18.16
C VAL A 277 14.21 3.90 17.39
N LEU A 278 14.06 5.12 16.88
CA LEU A 278 15.17 5.74 16.15
C LEU A 278 16.38 5.95 17.06
N THR A 279 16.11 6.34 18.31
CA THR A 279 17.22 6.61 19.23
C THR A 279 18.03 5.34 19.47
N ASP A 280 17.34 4.20 19.62
CA ASP A 280 18.03 2.93 19.84
C ASP A 280 18.71 2.41 18.56
N ILE A 281 18.29 2.88 17.39
CA ILE A 281 19.11 2.63 16.19
C ILE A 281 20.38 3.48 16.24
N GLN A 282 20.20 4.76 16.52
CA GLN A 282 21.34 5.69 16.45
C GLN A 282 22.42 5.36 17.48
N ASN A 283 22.03 4.90 18.67
CA ASN A 283 23.00 4.75 19.77
C ASN A 283 23.65 3.37 19.83
N GLY A 284 23.36 2.47 18.88
CA GLY A 284 24.02 1.17 18.94
C GLY A 284 23.23 0.08 19.63
N ASN A 285 22.12 0.41 20.31
CA ASN A 285 21.42 -0.63 21.05
C ASN A 285 20.81 -1.67 20.12
N PHE A 286 20.24 -1.25 19.00
CA PHE A 286 19.63 -2.24 18.12
C PHE A 286 20.68 -3.14 17.48
N SER A 287 21.75 -2.55 16.96
CA SER A 287 22.72 -3.38 16.27
C SER A 287 23.45 -4.31 17.23
N ASN A 288 23.73 -3.82 18.46
CA ASN A 288 24.31 -4.71 19.48
C ASN A 288 23.38 -5.88 19.79
N ARG A 289 22.09 -5.60 19.91
CA ARG A 289 21.17 -6.69 20.21
C ARG A 289 21.17 -7.73 19.08
N PHE A 290 21.13 -7.26 17.82
CA PHE A 290 21.06 -8.15 16.67
C PHE A 290 22.36 -8.95 16.52
N ILE A 291 23.52 -8.30 16.68
CA ILE A 291 24.79 -8.99 16.51
C ILE A 291 25.00 -9.99 17.64
N GLU A 292 24.67 -9.60 18.86
CA GLU A 292 24.84 -10.54 19.97
C GLU A 292 23.91 -11.72 19.83
N ASP A 293 22.70 -11.50 19.32
CA ASP A 293 21.80 -12.65 19.13
C ASP A 293 22.31 -13.58 18.03
N ASN A 294 22.89 -13.03 16.96
CA ASN A 294 23.53 -13.88 15.96
C ASN A 294 24.66 -14.71 16.57
N LYS A 295 25.46 -14.10 17.44
CA LYS A 295 26.54 -14.86 18.05
C LYS A 295 26.00 -15.97 18.93
N ASN A 296 24.80 -15.79 19.48
CA ASN A 296 24.10 -16.79 20.25
C ASN A 296 23.16 -17.65 19.41
N GLY A 297 23.48 -17.88 18.12
CA GLY A 297 22.67 -18.82 17.36
C GLY A 297 21.27 -18.35 17.05
N PHE A 298 21.04 -17.03 17.07
CA PHE A 298 19.73 -16.43 16.81
C PHE A 298 18.64 -16.99 17.72
N LYS A 299 18.97 -17.38 18.95
CA LYS A 299 17.93 -17.93 19.83
C LYS A 299 16.76 -16.94 19.99
N GLU A 300 17.05 -15.66 20.21
CA GLU A 300 15.95 -14.71 20.36
C GLU A 300 15.18 -14.51 19.06
N PHE A 301 15.90 -14.36 17.94
CA PHE A 301 15.24 -14.17 16.65
C PHE A 301 14.26 -15.30 16.32
N TYR A 302 14.73 -16.57 16.40
CA TYR A 302 13.87 -17.69 16.02
C TYR A 302 12.71 -17.85 17.00
N LYS A 303 12.91 -17.53 18.28
CA LYS A 303 11.80 -17.54 19.23
C LYS A 303 10.74 -16.52 18.86
N LEU A 304 11.18 -15.27 18.59
CA LEU A 304 10.22 -14.23 18.21
C LEU A 304 9.52 -14.56 16.91
N ARG A 305 10.22 -15.17 15.96
CA ARG A 305 9.55 -15.57 14.71
C ARG A 305 8.46 -16.58 15.01
N GLU A 306 8.77 -17.51 15.90
CA GLU A 306 7.79 -18.54 16.29
C GLU A 306 6.60 -17.90 16.99
N GLU A 307 6.85 -16.95 17.92
CA GLU A 307 5.76 -16.25 18.61
C GLU A 307 4.91 -15.40 17.68
N GLN A 308 5.41 -14.96 16.52
CA GLN A 308 4.56 -14.13 15.66
C GLN A 308 3.90 -14.86 14.47
N HIS A 309 4.38 -16.04 14.06
CA HIS A 309 3.79 -16.66 12.89
C HIS A 309 2.42 -17.29 13.23
N GLY A 310 1.60 -17.52 12.21
CA GLY A 310 0.32 -18.17 12.41
C GLY A 310 -0.86 -17.27 12.72
N HIS A 311 -0.76 -15.98 12.43
CA HIS A 311 -1.86 -15.08 12.71
C HIS A 311 -3.04 -15.44 11.82
N GLN A 312 -4.23 -15.45 12.43
CA GLN A 312 -5.47 -15.71 11.72
C GLN A 312 -5.57 -14.95 10.40
N ILE A 313 -5.03 -13.74 10.33
CA ILE A 313 -5.20 -13.00 9.08
C ILE A 313 -4.50 -13.70 7.93
N GLU A 314 -3.45 -14.46 8.22
CA GLU A 314 -2.76 -15.11 7.10
C GLU A 314 -3.57 -16.27 6.56
N LYS A 315 -4.30 -16.96 7.43
CA LYS A 315 -5.18 -18.04 6.97
C LYS A 315 -6.32 -17.47 6.11
N VAL A 316 -6.94 -16.39 6.56
CA VAL A 316 -8.02 -15.81 5.77
C VAL A 316 -7.50 -15.34 4.43
N GLY A 317 -6.30 -14.73 4.42
CA GLY A 317 -5.74 -14.29 3.16
C GLY A 317 -5.54 -15.44 2.18
N ARG A 318 -5.02 -16.56 2.67
CA ARG A 318 -4.81 -17.71 1.78
C ARG A 318 -6.12 -18.20 1.19
N GLU A 319 -7.19 -18.18 2.00
CA GLU A 319 -8.50 -18.64 1.52
C GLU A 319 -9.04 -17.69 0.49
N LEU A 320 -8.89 -16.37 0.70
CA LEU A 320 -9.44 -15.44 -0.27
C LEU A 320 -8.66 -15.44 -1.57
N ARG A 321 -7.32 -15.60 -1.51
CA ARG A 321 -6.56 -15.63 -2.76
C ARG A 321 -6.96 -16.86 -3.60
N GLU A 322 -7.40 -17.94 -2.97
CA GLU A 322 -8.06 -19.01 -3.75
C GLU A 322 -9.47 -18.60 -4.12
N THR B 2 -18.36 -17.24 3.82
CA THR B 2 -17.73 -18.31 3.05
C THR B 2 -18.39 -18.51 1.66
N THR B 3 -19.68 -18.18 1.49
CA THR B 3 -20.33 -18.32 0.19
C THR B 3 -20.05 -17.11 -0.70
N VAL B 4 -19.32 -17.33 -1.81
CA VAL B 4 -19.11 -16.34 -2.85
C VAL B 4 -20.01 -16.65 -4.05
N TYR B 5 -20.78 -15.64 -4.52
CA TYR B 5 -21.58 -15.73 -5.74
C TYR B 5 -20.84 -15.15 -6.95
N TYR B 6 -20.74 -15.95 -8.00
CA TYR B 6 -20.07 -15.55 -9.25
C TYR B 6 -21.09 -15.41 -10.38
N ASP B 7 -20.61 -15.02 -11.56
CA ASP B 7 -21.49 -14.88 -12.72
C ASP B 7 -22.41 -16.09 -12.87
N GLN B 8 -21.84 -17.29 -12.75
CA GLN B 8 -22.56 -18.54 -13.02
C GLN B 8 -23.62 -18.81 -11.98
N ASP B 9 -23.52 -18.20 -10.80
CA ASP B 9 -24.48 -18.49 -9.76
C ASP B 9 -25.73 -17.64 -9.85
N VAL B 10 -25.75 -16.65 -10.73
CA VAL B 10 -26.92 -15.78 -10.88
C VAL B 10 -27.64 -16.35 -12.11
N LYS B 11 -28.57 -17.28 -11.85
CA LYS B 11 -29.19 -18.05 -12.93
C LYS B 11 -30.32 -17.32 -13.63
N THR B 12 -30.93 -16.33 -13.00
CA THR B 12 -32.03 -15.58 -13.61
C THR B 12 -31.72 -14.09 -13.55
N ASP B 13 -32.16 -13.36 -14.57
CA ASP B 13 -31.88 -11.92 -14.69
C ASP B 13 -33.11 -11.15 -14.19
N ALA B 14 -33.12 -10.87 -12.88
CA ALA B 14 -34.21 -10.10 -12.28
C ALA B 14 -34.21 -8.65 -12.71
N LEU B 15 -33.21 -8.19 -13.43
CA LEU B 15 -33.13 -6.80 -13.83
C LEU B 15 -33.68 -6.58 -15.23
N GLN B 16 -33.76 -7.65 -16.03
CA GLN B 16 -34.36 -7.56 -17.35
C GLN B 16 -35.75 -6.98 -17.29
N GLY B 17 -35.99 -5.94 -18.08
CA GLY B 17 -37.29 -5.30 -18.12
C GLY B 17 -37.45 -4.15 -17.15
N LYS B 18 -36.40 -3.80 -16.41
CA LYS B 18 -36.46 -2.72 -15.43
C LYS B 18 -35.61 -1.54 -15.87
N LYS B 19 -36.15 -0.33 -15.67
CA LYS B 19 -35.39 0.89 -15.89
C LYS B 19 -34.62 1.22 -14.61
N ILE B 20 -33.33 1.57 -14.75
CA ILE B 20 -32.48 1.87 -13.60
C ILE B 20 -32.15 3.36 -13.59
N ALA B 21 -32.34 3.99 -12.44
CA ALA B 21 -31.91 5.37 -12.25
C ALA B 21 -30.71 5.37 -11.33
N VAL B 22 -29.59 5.90 -11.83
CA VAL B 22 -28.41 6.17 -11.03
C VAL B 22 -28.48 7.63 -10.64
N VAL B 23 -28.60 7.89 -9.34
CA VAL B 23 -28.78 9.22 -8.79
C VAL B 23 -27.43 9.72 -8.31
N GLY B 24 -26.91 10.72 -8.99
CA GLY B 24 -25.52 11.14 -8.79
C GLY B 24 -24.61 10.57 -9.87
N TYR B 25 -23.50 11.26 -10.12
CA TYR B 25 -22.62 10.85 -11.20
C TYR B 25 -21.16 11.11 -10.84
N GLY B 26 -20.79 10.81 -9.60
CA GLY B 26 -19.47 11.07 -9.07
C GLY B 26 -18.56 9.86 -9.17
N SER B 27 -17.77 9.63 -8.10
CA SER B 27 -16.83 8.50 -8.10
C SER B 27 -17.54 7.17 -8.40
N GLN B 28 -18.57 6.82 -7.63
CA GLN B 28 -19.26 5.57 -7.91
C GLN B 28 -20.31 5.74 -9.00
N GLY B 29 -21.02 6.86 -9.03
CA GLY B 29 -22.15 6.98 -9.96
C GLY B 29 -21.74 6.75 -11.40
N HIS B 30 -20.64 7.39 -11.84
CA HIS B 30 -20.23 7.23 -13.24
C HIS B 30 -19.89 5.76 -13.53
N ALA B 31 -19.29 5.08 -12.57
CA ALA B 31 -18.85 3.71 -12.78
C ALA B 31 -20.03 2.75 -12.87
N HIS B 32 -20.96 2.80 -11.89
CA HIS B 32 -22.12 1.91 -11.93
C HIS B 32 -22.90 2.14 -13.23
N ALA B 33 -23.10 3.40 -13.60
CA ALA B 33 -23.93 3.70 -14.75
C ALA B 33 -23.27 3.23 -16.04
N GLN B 34 -21.97 3.45 -16.20
CA GLN B 34 -21.31 3.07 -17.45
C GLN B 34 -21.23 1.55 -17.59
N ASN B 35 -20.87 0.84 -16.51
CA ASN B 35 -20.87 -0.62 -16.58
C ASN B 35 -22.25 -1.17 -16.93
N LEU B 36 -23.29 -0.64 -16.30
CA LEU B 36 -24.63 -1.13 -16.57
C LEU B 36 -25.01 -0.88 -18.03
N LYS B 37 -24.74 0.33 -18.53
CA LYS B 37 -25.04 0.66 -19.92
C LYS B 37 -24.27 -0.26 -20.88
N ASP B 38 -22.96 -0.47 -20.61
CA ASP B 38 -22.17 -1.39 -21.43
C ASP B 38 -22.74 -2.80 -21.37
N ASN B 39 -23.37 -3.16 -20.26
CA ASN B 39 -23.93 -4.51 -20.19
C ASN B 39 -25.33 -4.59 -20.80
N GLY B 40 -25.82 -3.50 -21.36
CA GLY B 40 -27.08 -3.52 -22.08
C GLY B 40 -28.30 -3.04 -21.33
N TYR B 41 -28.15 -2.48 -20.13
CA TYR B 41 -29.32 -2.16 -19.34
C TYR B 41 -29.77 -0.73 -19.61
N ASP B 42 -31.05 -0.48 -19.34
CA ASP B 42 -31.68 0.82 -19.55
C ASP B 42 -31.40 1.70 -18.35
N VAL B 43 -30.51 2.67 -18.49
CA VAL B 43 -30.04 3.45 -17.34
C VAL B 43 -30.16 4.93 -17.63
N VAL B 44 -30.80 5.67 -16.71
CA VAL B 44 -30.82 7.13 -16.79
C VAL B 44 -30.16 7.70 -15.55
N ILE B 45 -29.81 8.99 -15.61
CA ILE B 45 -29.12 9.68 -14.54
C ILE B 45 -30.08 10.71 -13.93
N GLY B 46 -30.21 10.69 -12.62
CA GLY B 46 -30.91 11.72 -11.89
C GLY B 46 -29.84 12.59 -11.25
N ILE B 47 -29.88 13.88 -11.55
CA ILE B 47 -28.76 14.76 -11.23
C ILE B 47 -29.25 16.21 -11.28
N ARG B 48 -28.69 17.04 -10.40
CA ARG B 48 -28.88 18.48 -10.43
C ARG B 48 -28.03 19.08 -11.53
N PRO B 49 -28.29 20.34 -11.91
CA PRO B 49 -27.46 20.96 -12.94
C PRO B 49 -26.05 21.28 -12.41
N GLY B 50 -25.07 21.21 -13.29
CA GLY B 50 -23.70 21.50 -12.92
C GLY B 50 -22.74 20.68 -13.77
N ARG B 51 -21.53 20.50 -13.26
CA ARG B 51 -20.52 19.81 -14.07
C ARG B 51 -20.79 18.31 -14.20
N SER B 52 -21.35 17.67 -13.16
CA SER B 52 -21.69 16.25 -13.28
C SER B 52 -22.80 16.03 -14.31
N PHE B 53 -23.83 16.88 -14.29
CA PHE B 53 -24.87 16.88 -15.35
C PHE B 53 -24.23 16.91 -16.73
N ASP B 54 -23.37 17.91 -16.98
CA ASP B 54 -22.69 18.05 -18.27
C ASP B 54 -21.97 16.76 -18.64
N LYS B 55 -21.03 16.32 -17.78
CA LYS B 55 -20.26 15.11 -18.05
C LYS B 55 -21.17 13.94 -18.42
N ALA B 56 -22.30 13.81 -17.70
CA ALA B 56 -23.18 12.66 -17.91
C ALA B 56 -23.81 12.68 -19.29
N LYS B 57 -24.27 13.85 -19.74
CA LYS B 57 -24.90 13.91 -21.06
C LYS B 57 -23.84 13.80 -22.15
N GLU B 58 -22.65 14.36 -21.94
CA GLU B 58 -21.58 14.11 -22.90
C GLU B 58 -21.19 12.63 -22.90
N ASP B 59 -21.39 11.92 -21.79
CA ASP B 59 -21.03 10.50 -21.74
C ASP B 59 -22.11 9.61 -22.36
N GLY B 60 -23.16 10.18 -22.95
CA GLY B 60 -24.16 9.39 -23.65
C GLY B 60 -25.42 9.03 -22.89
N PHE B 61 -25.67 9.60 -21.73
CA PHE B 61 -26.82 9.19 -20.92
C PHE B 61 -28.01 10.13 -21.13
N ASP B 62 -29.21 9.57 -20.99
CA ASP B 62 -30.39 10.38 -20.70
C ASP B 62 -30.29 10.91 -19.27
N VAL B 63 -30.48 12.22 -19.11
CA VAL B 63 -30.16 12.92 -17.88
C VAL B 63 -31.38 13.76 -17.47
N PHE B 64 -31.87 13.56 -16.24
CA PHE B 64 -33.05 14.20 -15.68
C PHE B 64 -32.79 14.75 -14.29
N PRO B 65 -33.59 15.71 -13.83
CA PRO B 65 -33.63 16.00 -12.38
C PRO B 65 -33.95 14.73 -11.62
N VAL B 66 -33.53 14.69 -10.35
CA VAL B 66 -33.66 13.48 -9.55
C VAL B 66 -35.12 13.01 -9.49
N ALA B 67 -36.05 13.94 -9.23
CA ALA B 67 -37.45 13.53 -9.07
C ALA B 67 -37.99 12.84 -10.33
N GLU B 68 -37.66 13.36 -11.52
CA GLU B 68 -38.17 12.74 -12.72
C GLU B 68 -37.50 11.41 -12.99
N ALA B 69 -36.21 11.30 -12.66
CA ALA B 69 -35.55 10.01 -12.81
C ALA B 69 -36.19 8.97 -11.90
N VAL B 70 -36.48 9.34 -10.66
CA VAL B 70 -37.11 8.42 -9.73
C VAL B 70 -38.47 7.99 -10.27
N LYS B 71 -39.24 8.94 -10.82
CA LYS B 71 -40.57 8.58 -11.30
C LYS B 71 -40.51 7.51 -12.39
N GLN B 72 -39.60 7.66 -13.36
CA GLN B 72 -39.49 6.71 -14.46
C GLN B 72 -38.90 5.35 -14.06
N ALA B 73 -38.12 5.27 -12.98
CA ALA B 73 -37.29 4.08 -12.75
C ALA B 73 -38.01 3.02 -11.91
N ASP B 74 -37.63 1.75 -12.13
CA ASP B 74 -37.97 0.67 -11.21
C ASP B 74 -36.92 0.47 -10.12
N VAL B 75 -35.65 0.72 -10.41
CA VAL B 75 -34.56 0.54 -9.47
C VAL B 75 -33.84 1.89 -9.36
N ILE B 76 -33.66 2.36 -8.13
CA ILE B 76 -33.16 3.70 -7.88
C ILE B 76 -31.90 3.57 -7.02
N MET B 77 -30.73 3.79 -7.64
CA MET B 77 -29.44 3.57 -6.98
C MET B 77 -28.91 4.93 -6.54
N VAL B 78 -28.80 5.14 -5.22
CA VAL B 78 -28.49 6.45 -4.65
C VAL B 78 -26.99 6.55 -4.44
N LEU B 79 -26.34 7.35 -5.27
CA LEU B 79 -24.90 7.52 -5.28
C LEU B 79 -24.53 8.98 -5.06
N LEU B 80 -25.22 9.63 -4.13
CA LEU B 80 -24.95 10.96 -3.65
C LEU B 80 -24.00 10.89 -2.47
N PRO B 81 -23.33 11.99 -2.12
CA PRO B 81 -22.54 12.00 -0.87
C PRO B 81 -23.45 11.61 0.29
N ASP B 82 -22.90 10.85 1.24
CA ASP B 82 -23.72 10.33 2.34
C ASP B 82 -24.38 11.45 3.16
N GLU B 83 -23.71 12.62 3.28
CA GLU B 83 -24.27 13.71 4.09
C GLU B 83 -25.47 14.40 3.44
N ILE B 84 -25.62 14.27 2.12
CA ILE B 84 -26.72 14.89 1.35
C ILE B 84 -27.95 13.99 1.22
N GLN B 85 -27.79 12.68 1.38
CA GLN B 85 -28.83 11.75 0.93
C GLN B 85 -30.12 11.93 1.70
N GLY B 86 -30.03 12.26 2.99
CA GLY B 86 -31.22 12.40 3.79
C GLY B 86 -32.15 13.46 3.24
N ASP B 87 -31.64 14.65 2.97
CA ASP B 87 -32.49 15.74 2.48
C ASP B 87 -32.93 15.50 1.03
N VAL B 88 -32.04 15.04 0.15
CA VAL B 88 -32.49 14.75 -1.21
C VAL B 88 -33.54 13.65 -1.20
N TYR B 89 -33.42 12.68 -0.30
CA TYR B 89 -34.42 11.62 -0.25
C TYR B 89 -35.78 12.18 0.15
N LYS B 90 -35.83 13.01 1.21
CA LYS B 90 -37.12 13.49 1.71
C LYS B 90 -37.80 14.39 0.68
N ASN B 91 -37.01 15.15 -0.08
CA ASN B 91 -37.54 16.15 -1.00
C ASN B 91 -37.77 15.64 -2.42
N GLU B 92 -36.83 14.89 -3.00
CA GLU B 92 -36.94 14.48 -4.39
C GLU B 92 -37.22 13.00 -4.60
N ILE B 93 -36.91 12.13 -3.63
CA ILE B 93 -37.05 10.71 -3.92
C ILE B 93 -38.34 10.17 -3.31
N GLU B 94 -38.47 10.30 -2.00
CA GLU B 94 -39.61 9.70 -1.31
C GLU B 94 -40.97 10.05 -1.94
N PRO B 95 -41.25 11.31 -2.35
CA PRO B 95 -42.57 11.59 -2.95
C PRO B 95 -42.82 10.89 -4.27
N ASN B 96 -41.78 10.37 -4.92
CA ASN B 96 -41.90 9.83 -6.26
C ASN B 96 -41.72 8.31 -6.32
N LEU B 97 -41.60 7.66 -5.16
CA LEU B 97 -41.53 6.21 -5.09
C LEU B 97 -42.91 5.59 -5.32
N GLU B 98 -42.92 4.41 -5.93
CA GLU B 98 -44.13 3.61 -6.11
C GLU B 98 -43.94 2.23 -5.47
N LYS B 99 -45.06 1.58 -5.15
CA LYS B 99 -45.03 0.25 -4.58
C LYS B 99 -44.17 -0.68 -5.40
N HIS B 100 -43.29 -1.44 -4.72
CA HIS B 100 -42.38 -2.43 -5.29
C HIS B 100 -41.28 -1.85 -6.16
N ASN B 101 -41.09 -0.53 -6.18
CA ASN B 101 -39.78 0.02 -6.58
C ASN B 101 -38.68 -0.61 -5.69
N ALA B 102 -37.43 -0.48 -6.15
CA ALA B 102 -36.25 -0.90 -5.39
C ALA B 102 -35.34 0.30 -5.11
N LEU B 103 -34.96 0.48 -3.85
CA LEU B 103 -34.07 1.55 -3.44
C LEU B 103 -32.71 0.95 -3.06
N ALA B 104 -31.63 1.46 -3.66
CA ALA B 104 -30.36 0.79 -3.54
C ALA B 104 -29.25 1.79 -3.22
N PHE B 105 -28.20 1.27 -2.60
CA PHE B 105 -27.10 2.09 -2.09
C PHE B 105 -25.79 1.37 -2.32
N ALA B 106 -24.71 2.13 -2.31
CA ALA B 106 -23.38 1.53 -2.31
C ALA B 106 -22.70 1.61 -0.94
N HIS B 107 -23.37 2.13 0.08
CA HIS B 107 -22.86 2.20 1.44
C HIS B 107 -24.13 2.24 2.31
N GLY B 108 -24.15 1.47 3.38
CA GLY B 108 -25.34 1.32 4.19
C GLY B 108 -25.62 2.45 5.18
N PHE B 109 -24.75 3.49 5.24
CA PHE B 109 -24.81 4.56 6.24
C PHE B 109 -26.23 5.10 6.49
N ASN B 110 -26.88 5.62 5.44
CA ASN B 110 -28.11 6.36 5.68
C ASN B 110 -29.25 5.47 6.11
N ILE B 111 -29.29 4.24 5.58
CA ILE B 111 -30.32 3.29 5.99
C ILE B 111 -30.00 2.72 7.36
N HIS B 112 -28.72 2.36 7.61
CA HIS B 112 -28.40 1.71 8.89
C HIS B 112 -28.67 2.67 10.05
N PHE B 113 -28.29 3.95 9.89
CA PHE B 113 -28.48 4.88 10.98
C PHE B 113 -29.87 5.55 10.99
N GLY B 114 -30.77 5.13 10.10
CA GLY B 114 -32.14 5.65 10.09
C GLY B 114 -32.26 7.09 9.64
N VAL B 115 -31.22 7.63 8.99
CA VAL B 115 -31.37 8.94 8.34
C VAL B 115 -32.38 8.84 7.21
N ILE B 116 -32.42 7.71 6.52
CA ILE B 116 -33.47 7.39 5.55
C ILE B 116 -34.28 6.24 6.11
N GLN B 117 -35.60 6.44 6.23
CA GLN B 117 -36.50 5.37 6.67
C GLN B 117 -37.49 5.09 5.55
N PRO B 118 -37.27 4.06 4.74
CA PRO B 118 -38.03 3.89 3.49
C PRO B 118 -39.43 3.38 3.77
N PRO B 119 -40.34 3.47 2.80
CA PRO B 119 -41.65 2.83 2.96
C PRO B 119 -41.54 1.31 3.10
N ALA B 120 -42.54 0.72 3.74
CA ALA B 120 -42.54 -0.72 3.98
C ALA B 120 -42.70 -1.52 2.69
N ASP B 121 -43.22 -0.90 1.63
CA ASP B 121 -43.56 -1.64 0.40
C ASP B 121 -42.57 -1.38 -0.73
N VAL B 122 -41.30 -1.06 -0.40
CA VAL B 122 -40.28 -0.98 -1.44
C VAL B 122 -39.14 -1.91 -1.06
N ASP B 123 -38.46 -2.45 -2.07
CA ASP B 123 -37.30 -3.28 -1.77
C ASP B 123 -36.13 -2.37 -1.39
N VAL B 124 -35.22 -2.86 -0.53
CA VAL B 124 -34.02 -2.07 -0.18
C VAL B 124 -32.80 -2.99 -0.17
N PHE B 125 -31.77 -2.65 -0.97
CA PHE B 125 -30.57 -3.46 -0.99
C PHE B 125 -29.34 -2.59 -1.17
N LEU B 126 -28.19 -3.21 -0.96
CA LEU B 126 -26.94 -2.52 -1.21
C LEU B 126 -26.05 -3.42 -2.07
N VAL B 127 -25.24 -2.79 -2.90
CA VAL B 127 -24.14 -3.44 -3.61
C VAL B 127 -22.98 -2.47 -3.42
N ALA B 128 -22.00 -2.87 -2.59
CA ALA B 128 -20.93 -2.02 -2.10
C ALA B 128 -19.62 -2.51 -2.66
N PRO B 129 -19.02 -1.85 -3.65
CA PRO B 129 -17.71 -2.25 -4.13
C PRO B 129 -16.63 -1.85 -3.13
N LYS B 130 -15.66 -2.75 -2.94
CA LYS B 130 -14.59 -2.50 -1.99
C LYS B 130 -13.42 -1.83 -2.72
N GLY B 131 -13.69 -0.63 -3.23
CA GLY B 131 -12.70 0.12 -3.97
C GLY B 131 -13.30 1.34 -4.63
N PRO B 132 -12.42 2.25 -5.07
CA PRO B 132 -12.86 3.53 -5.59
C PRO B 132 -13.52 3.38 -6.94
N GLY B 133 -14.40 4.35 -7.25
CA GLY B 133 -15.25 4.22 -8.42
C GLY B 133 -14.48 4.14 -9.72
N HIS B 134 -13.42 4.96 -9.86
CA HIS B 134 -12.68 4.88 -11.12
C HIS B 134 -12.08 3.48 -11.32
N LEU B 135 -11.73 2.78 -10.24
CA LEU B 135 -11.25 1.42 -10.38
C LEU B 135 -12.37 0.42 -10.67
N VAL B 136 -13.57 0.63 -10.12
CA VAL B 136 -14.72 -0.17 -10.53
C VAL B 136 -14.95 -0.07 -12.04
N ARG B 137 -14.81 1.14 -12.60
CA ARG B 137 -14.95 1.32 -14.05
C ARG B 137 -13.77 0.71 -14.81
N ARG B 138 -12.54 1.10 -14.44
CA ARG B 138 -11.38 0.61 -15.18
C ARG B 138 -11.29 -0.92 -15.17
N THR B 139 -11.51 -1.56 -14.02
CA THR B 139 -11.38 -3.01 -14.00
C THR B 139 -12.46 -3.67 -14.84
N PHE B 140 -13.66 -3.08 -14.88
CA PHE B 140 -14.73 -3.62 -15.71
C PHE B 140 -14.33 -3.61 -17.19
N VAL B 141 -13.79 -2.49 -17.65
CA VAL B 141 -13.37 -2.36 -19.05
C VAL B 141 -12.20 -3.31 -19.37
N GLU B 142 -11.34 -3.59 -18.42
CA GLU B 142 -10.18 -4.42 -18.67
C GLU B 142 -10.45 -5.88 -18.33
N GLY B 143 -11.71 -6.28 -18.38
CA GLY B 143 -12.08 -7.67 -18.17
C GLY B 143 -12.17 -8.14 -16.74
N SER B 144 -11.75 -7.32 -15.75
CA SER B 144 -11.69 -7.72 -14.34
C SER B 144 -12.82 -7.06 -13.54
N ALA B 145 -12.64 -6.95 -12.22
CA ALA B 145 -13.58 -6.25 -11.35
C ALA B 145 -12.98 -6.09 -9.97
N VAL B 146 -13.63 -5.25 -9.16
CA VAL B 146 -13.32 -5.01 -7.76
C VAL B 146 -14.30 -5.88 -6.96
N PRO B 147 -13.85 -6.58 -5.92
CA PRO B 147 -14.80 -7.37 -5.10
C PRO B 147 -15.84 -6.46 -4.48
N SER B 148 -17.03 -7.01 -4.26
CA SER B 148 -18.12 -6.22 -3.70
C SER B 148 -18.93 -7.07 -2.73
N LEU B 149 -19.65 -6.35 -1.87
CA LEU B 149 -20.56 -6.94 -0.91
C LEU B 149 -21.98 -6.67 -1.39
N PHE B 150 -22.93 -7.52 -0.98
CA PHE B 150 -24.34 -7.20 -1.20
C PHE B 150 -25.14 -7.55 0.05
N GLY B 151 -26.29 -6.89 0.19
CA GLY B 151 -27.14 -7.13 1.33
C GLY B 151 -28.53 -6.63 1.03
N ILE B 152 -29.50 -7.19 1.74
CA ILE B 152 -30.91 -6.84 1.55
C ILE B 152 -31.47 -6.38 2.89
N GLN B 153 -31.94 -5.13 2.92
CA GLN B 153 -32.59 -4.63 4.14
C GLN B 153 -34.08 -4.89 4.14
N GLN B 154 -34.73 -4.85 2.97
CA GLN B 154 -36.20 -5.01 2.90
C GLN B 154 -36.54 -5.80 1.65
N ASP B 155 -37.43 -6.78 1.75
CA ASP B 155 -37.83 -7.54 0.57
C ASP B 155 -39.38 -7.46 0.47
N ALA B 156 -39.89 -6.35 -0.09
CA ALA B 156 -41.32 -6.12 -0.19
C ALA B 156 -41.93 -6.90 -1.36
N SER B 157 -41.19 -7.01 -2.45
CA SER B 157 -41.68 -7.64 -3.67
C SER B 157 -41.57 -9.15 -3.66
N GLY B 158 -40.73 -9.71 -2.79
CA GLY B 158 -40.37 -11.10 -2.88
C GLY B 158 -39.23 -11.40 -3.82
N GLN B 159 -38.70 -10.39 -4.54
CA GLN B 159 -37.61 -10.53 -5.51
C GLN B 159 -36.36 -9.74 -5.14
N ALA B 160 -36.29 -9.16 -3.94
CA ALA B 160 -35.20 -8.23 -3.63
C ALA B 160 -33.84 -8.89 -3.77
N ARG B 161 -33.69 -10.13 -3.30
CA ARG B 161 -32.40 -10.78 -3.36
C ARG B 161 -31.93 -11.04 -4.80
N ASN B 162 -32.86 -11.52 -5.65
CA ASN B 162 -32.55 -11.74 -7.06
C ASN B 162 -32.23 -10.43 -7.78
N ILE B 163 -32.94 -9.35 -7.45
CA ILE B 163 -32.62 -8.06 -8.07
C ILE B 163 -31.23 -7.59 -7.64
N ALA B 164 -30.91 -7.78 -6.37
CA ALA B 164 -29.59 -7.33 -5.90
C ALA B 164 -28.46 -8.12 -6.58
N LEU B 165 -28.63 -9.42 -6.71
CA LEU B 165 -27.59 -10.22 -7.36
C LEU B 165 -27.50 -9.90 -8.85
N SER B 166 -28.64 -9.62 -9.50
CA SER B 166 -28.57 -9.22 -10.91
C SER B 166 -27.94 -7.84 -11.07
N TYR B 167 -28.23 -6.90 -10.16
CA TYR B 167 -27.58 -5.60 -10.20
C TYR B 167 -26.06 -5.76 -10.04
N ALA B 168 -25.63 -6.59 -9.09
CA ALA B 168 -24.21 -6.82 -8.87
C ALA B 168 -23.55 -7.46 -10.09
N LYS B 169 -24.27 -8.38 -10.75
CA LYS B 169 -23.72 -8.96 -11.97
C LYS B 169 -23.64 -7.92 -13.08
N GLY B 170 -24.65 -7.04 -13.15
CA GLY B 170 -24.71 -6.02 -14.18
C GLY B 170 -23.67 -4.92 -14.06
N ILE B 171 -23.16 -4.67 -12.86
CA ILE B 171 -22.06 -3.73 -12.77
C ILE B 171 -20.71 -4.43 -12.84
N GLY B 172 -20.67 -5.76 -12.95
CA GLY B 172 -19.41 -6.47 -13.09
C GLY B 172 -18.91 -7.16 -11.84
N ALA B 173 -19.56 -6.93 -10.68
CA ALA B 173 -18.99 -7.35 -9.40
C ALA B 173 -18.90 -8.87 -9.28
N THR B 174 -19.89 -9.62 -9.82
CA THR B 174 -19.82 -11.07 -9.69
C THR B 174 -18.70 -11.68 -10.50
N ARG B 175 -18.02 -10.91 -11.36
CA ARG B 175 -16.82 -11.43 -12.00
C ARG B 175 -15.80 -11.87 -10.96
N ALA B 176 -15.47 -11.02 -10.00
CA ALA B 176 -14.54 -11.38 -8.94
C ALA B 176 -15.21 -12.16 -7.83
N GLY B 177 -16.51 -12.03 -7.67
CA GLY B 177 -17.21 -12.72 -6.61
C GLY B 177 -17.79 -11.69 -5.66
N VAL B 178 -19.00 -11.97 -5.17
CA VAL B 178 -19.68 -11.07 -4.26
C VAL B 178 -20.01 -11.88 -3.02
N ILE B 179 -19.91 -11.25 -1.86
CA ILE B 179 -20.17 -11.90 -0.59
C ILE B 179 -21.36 -11.21 0.06
N GLU B 180 -22.26 -11.98 0.69
CA GLU B 180 -23.43 -11.38 1.33
C GLU B 180 -23.11 -10.81 2.73
N THR B 181 -23.78 -9.83 3.21
CA THR B 181 -23.58 -9.19 4.51
C THR B 181 -24.84 -8.41 4.88
N THR B 182 -24.86 -7.75 5.95
CA THR B 182 -26.02 -6.95 6.37
C THR B 182 -25.69 -5.47 6.20
N PHE B 183 -26.72 -4.63 6.19
CA PHE B 183 -26.48 -3.19 6.15
C PHE B 183 -25.62 -2.76 7.33
N LYS B 184 -25.91 -3.29 8.52
CA LYS B 184 -25.15 -2.87 9.71
C LYS B 184 -23.69 -3.21 9.55
N GLU B 185 -23.41 -4.40 9.04
CA GLU B 185 -22.02 -4.86 9.03
C GLU B 185 -21.21 -4.18 7.92
N GLU B 186 -21.80 -3.98 6.74
CA GLU B 186 -21.14 -3.20 5.69
C GLU B 186 -20.82 -1.80 6.19
N THR B 187 -21.80 -1.16 6.85
CA THR B 187 -21.60 0.22 7.27
C THR B 187 -20.46 0.35 8.28
N GLU B 188 -20.48 -0.51 9.31
CA GLU B 188 -19.54 -0.37 10.41
C GLU B 188 -18.13 -0.77 10.02
N THR B 189 -17.97 -1.85 9.22
CA THR B 189 -16.61 -2.23 8.79
C THR B 189 -16.04 -1.21 7.82
N ASP B 190 -16.87 -0.70 6.90
CA ASP B 190 -16.40 0.27 5.95
C ASP B 190 -15.93 1.53 6.66
N LEU B 191 -16.75 2.03 7.60
CA LEU B 191 -16.36 3.22 8.38
C LEU B 191 -15.12 2.95 9.21
N PHE B 192 -15.01 1.74 9.76
CA PHE B 192 -13.87 1.46 10.62
C PHE B 192 -12.58 1.44 9.82
N GLY B 193 -12.59 0.80 8.64
CA GLY B 193 -11.33 0.71 7.87
C GLY B 193 -10.82 2.09 7.49
N GLU B 194 -11.72 2.94 6.98
CA GLU B 194 -11.30 4.28 6.58
C GLU B 194 -10.86 5.12 7.78
N GLN B 195 -11.46 4.95 8.96
CA GLN B 195 -11.12 5.74 10.15
C GLN B 195 -9.88 5.23 10.90
N ALA B 196 -9.68 3.92 10.98
CA ALA B 196 -8.64 3.41 11.87
C ALA B 196 -7.45 2.78 11.15
N VAL B 197 -7.59 2.43 9.88
CA VAL B 197 -6.57 1.55 9.29
C VAL B 197 -6.06 2.11 7.97
N LEU B 198 -6.94 2.65 7.15
CA LEU B 198 -6.58 3.19 5.85
C LEU B 198 -6.22 4.67 5.94
N CYS B 199 -7.14 5.58 5.66
CA CYS B 199 -6.78 7.00 5.69
C CYS B 199 -6.33 7.42 7.08
N GLY B 200 -7.09 7.10 8.09
CA GLY B 200 -6.72 7.47 9.44
C GLY B 200 -5.69 6.59 10.09
N GLY B 201 -5.26 5.52 9.42
CA GLY B 201 -4.29 4.62 9.99
C GLY B 201 -2.99 4.75 9.22
N VAL B 202 -2.88 4.07 8.08
CA VAL B 202 -1.54 3.94 7.44
C VAL B 202 -1.07 5.29 6.93
N SER B 203 -1.98 6.13 6.46
CA SER B 203 -1.57 7.43 5.97
C SER B 203 -0.96 8.28 7.07
N LYS B 204 -1.49 8.20 8.27
CA LYS B 204 -0.93 8.92 9.42
C LYS B 204 0.31 8.23 9.99
N LEU B 205 0.38 6.89 9.96
CA LEU B 205 1.63 6.21 10.29
C LEU B 205 2.78 6.69 9.37
N ILE B 206 2.50 6.76 8.06
CA ILE B 206 3.51 7.21 7.10
C ILE B 206 3.94 8.64 7.41
N GLN B 207 2.97 9.53 7.64
CA GLN B 207 3.30 10.91 7.96
C GLN B 207 4.11 11.03 9.25
N SER B 208 3.75 10.25 10.28
CA SER B 208 4.55 10.28 11.51
C SER B 208 5.97 9.80 11.27
N GLY B 209 6.14 8.75 10.43
CA GLY B 209 7.49 8.27 10.14
C GLY B 209 8.29 9.32 9.39
N PHE B 210 7.67 9.94 8.38
CA PHE B 210 8.31 10.98 7.58
C PHE B 210 8.75 12.14 8.48
N GLU B 211 7.84 12.63 9.33
CA GLU B 211 8.17 13.69 10.27
C GLU B 211 9.30 13.28 11.19
N THR B 212 9.27 12.04 11.71
CA THR B 212 10.31 11.65 12.66
C THR B 212 11.67 11.72 11.97
N LEU B 213 11.73 11.33 10.70
CA LEU B 213 13.04 11.37 10.01
C LEU B 213 13.45 12.81 9.72
N VAL B 214 12.55 13.63 9.19
CA VAL B 214 13.05 14.96 8.80
C VAL B 214 13.35 15.78 10.06
N GLU B 215 12.60 15.57 11.14
CA GLU B 215 12.88 16.31 12.38
C GLU B 215 14.20 15.89 12.98
N ALA B 216 14.68 14.69 12.68
CA ALA B 216 15.99 14.25 13.13
C ALA B 216 17.13 14.78 12.27
N GLY B 217 16.87 15.48 11.18
CA GLY B 217 17.98 15.97 10.34
C GLY B 217 18.17 15.25 9.01
N TYR B 218 17.44 14.18 8.71
CA TYR B 218 17.72 13.42 7.50
C TYR B 218 17.10 14.10 6.28
N GLN B 219 17.58 13.75 5.12
CA GLN B 219 17.12 14.41 3.89
C GLN B 219 15.65 14.08 3.61
N PRO B 220 14.81 15.10 3.35
CA PRO B 220 13.38 14.84 3.14
C PRO B 220 13.09 13.99 1.94
N GLU B 221 13.85 14.14 0.82
CA GLU B 221 13.60 13.29 -0.35
C GLU B 221 13.86 11.82 -0.03
N LEU B 222 14.92 11.56 0.72
CA LEU B 222 15.21 10.20 1.18
C LEU B 222 14.08 9.69 2.05
N ALA B 223 13.58 10.56 2.96
CA ALA B 223 12.48 10.16 3.82
C ALA B 223 11.25 9.78 2.99
N TYR B 224 10.96 10.53 1.94
CA TYR B 224 9.81 10.18 1.11
C TYR B 224 9.99 8.79 0.51
N PHE B 225 11.18 8.50 -0.02
CA PHE B 225 11.36 7.18 -0.67
C PHE B 225 11.25 6.06 0.34
N GLU B 226 11.73 6.29 1.56
CA GLU B 226 11.80 5.24 2.57
C GLU B 226 10.42 4.91 3.13
N VAL B 227 9.62 5.92 3.54
CA VAL B 227 8.37 5.65 4.26
C VAL B 227 7.10 5.63 3.40
N LEU B 228 7.13 6.22 2.21
CA LEU B 228 5.91 6.28 1.41
C LEU B 228 6.07 5.50 0.09
N HIS B 229 7.08 5.82 -0.71
CA HIS B 229 7.21 5.14 -1.99
C HIS B 229 7.41 3.65 -1.81
N GLU B 230 8.24 3.26 -0.84
CA GLU B 230 8.48 1.86 -0.56
C GLU B 230 7.29 1.16 0.05
N MET B 231 6.40 1.92 0.71
CA MET B 231 5.24 1.26 1.27
C MET B 231 4.41 0.58 0.19
N LYS B 232 4.28 1.23 -0.98
CA LYS B 232 3.53 0.63 -2.08
C LYS B 232 4.14 -0.71 -2.49
N LEU B 233 5.48 -0.77 -2.56
CA LEU B 233 6.15 -2.01 -2.94
C LEU B 233 5.90 -3.13 -1.93
N ILE B 234 6.00 -2.84 -0.63
CA ILE B 234 5.86 -3.93 0.33
C ILE B 234 4.40 -4.34 0.44
N VAL B 235 3.48 -3.39 0.35
CA VAL B 235 2.06 -3.75 0.42
C VAL B 235 1.65 -4.58 -0.79
N ASP B 236 2.22 -4.29 -1.97
CA ASP B 236 2.04 -5.16 -3.14
C ASP B 236 2.43 -6.61 -2.84
N LEU B 237 3.55 -6.86 -2.15
CA LEU B 237 3.94 -8.25 -1.87
C LEU B 237 3.00 -8.91 -0.88
N MET B 238 2.57 -8.17 0.15
CA MET B 238 1.58 -8.69 1.11
C MET B 238 0.30 -9.02 0.40
N TYR B 239 -0.13 -8.14 -0.50
CA TYR B 239 -1.37 -8.37 -1.24
C TYR B 239 -1.29 -9.62 -2.11
N GLU B 240 -0.17 -9.80 -2.82
CA GLU B 240 -0.02 -10.87 -3.82
C GLU B 240 0.19 -12.21 -3.18
N GLY B 241 0.94 -12.24 -2.09
CA GLY B 241 1.46 -13.48 -1.57
C GLY B 241 1.30 -13.62 -0.09
N GLY B 242 0.67 -12.66 0.56
CA GLY B 242 0.39 -12.77 1.97
C GLY B 242 1.57 -12.31 2.81
N MET B 243 1.29 -12.11 4.08
CA MET B 243 2.26 -11.55 4.99
C MET B 243 3.48 -12.47 5.21
N GLU B 244 3.59 -13.68 4.63
CA GLU B 244 4.89 -14.34 4.64
C GLU B 244 5.59 -14.41 3.27
N ASN B 245 4.92 -14.08 2.18
CA ASN B 245 5.63 -13.50 1.05
C ASN B 245 6.57 -12.40 1.50
N VAL B 246 6.28 -11.77 2.65
CA VAL B 246 7.09 -10.65 3.08
C VAL B 246 8.42 -11.13 3.59
N ARG B 247 8.44 -12.14 4.48
CA ARG B 247 9.70 -12.51 5.10
C ARG B 247 10.67 -13.16 4.11
N TYR B 248 10.15 -13.77 3.05
CA TYR B 248 11.03 -14.31 2.03
C TYR B 248 11.64 -13.21 1.17
N SER B 249 11.06 -12.02 1.20
CA SER B 249 11.58 -10.95 0.35
C SER B 249 12.42 -9.92 1.11
N ILE B 250 12.38 -9.93 2.44
CA ILE B 250 13.12 -8.93 3.24
C ILE B 250 14.34 -9.56 3.92
N SER B 251 15.23 -8.72 4.43
CA SER B 251 16.43 -9.25 5.05
C SER B 251 16.14 -9.76 6.46
N ASN B 252 17.08 -10.55 6.99
CA ASN B 252 16.94 -10.98 8.39
C ASN B 252 17.05 -9.80 9.34
N THR B 253 17.89 -8.80 9.00
CA THR B 253 17.96 -7.58 9.79
C THR B 253 16.59 -6.92 9.90
N ALA B 254 15.87 -6.86 8.77
CA ALA B 254 14.55 -6.23 8.78
C ALA B 254 13.52 -7.08 9.52
N GLU B 255 13.57 -8.40 9.33
CA GLU B 255 12.63 -9.29 10.00
C GLU B 255 12.82 -9.22 11.51
N PHE B 256 14.08 -9.27 11.96
CA PHE B 256 14.36 -9.12 13.38
C PHE B 256 13.89 -7.75 13.90
N GLY B 257 14.15 -6.69 13.13
CA GLY B 257 13.64 -5.35 13.48
C GLY B 257 12.14 -5.29 13.66
N ASP B 258 11.41 -5.96 12.78
CA ASP B 258 9.93 -6.02 12.92
C ASP B 258 9.56 -6.59 14.29
N TYR B 259 10.16 -7.73 14.63
CA TYR B 259 9.79 -8.41 15.88
C TYR B 259 10.15 -7.58 17.11
N VAL B 260 11.31 -6.91 17.12
CA VAL B 260 11.73 -6.22 18.35
C VAL B 260 11.24 -4.78 18.44
N SER B 261 10.92 -4.12 17.34
CA SER B 261 10.51 -2.71 17.37
C SER B 261 9.06 -2.47 16.98
N GLY B 262 8.49 -3.32 16.13
CA GLY B 262 7.10 -3.19 15.73
C GLY B 262 6.17 -3.01 16.93
N PRO B 263 6.28 -3.89 17.94
CA PRO B 263 5.39 -3.76 19.11
C PRO B 263 5.70 -2.55 19.97
N ARG B 264 6.85 -1.90 19.80
CA ARG B 264 7.13 -0.66 20.52
C ARG B 264 6.40 0.52 19.91
N VAL B 265 6.11 0.45 18.61
CA VAL B 265 5.45 1.55 17.89
C VAL B 265 3.94 1.41 17.98
N ILE B 266 3.48 0.21 17.62
CA ILE B 266 2.05 -0.14 17.66
C ILE B 266 1.85 -0.98 18.91
N THR B 267 1.62 -0.33 20.03
CA THR B 267 1.50 -1.00 21.33
C THR B 267 0.09 -1.53 21.54
N PRO B 268 -0.18 -2.26 22.63
CA PRO B 268 -1.57 -2.65 22.91
C PRO B 268 -2.52 -1.49 23.05
N ASP B 269 -2.03 -0.27 23.38
CA ASP B 269 -2.93 0.87 23.49
C ASP B 269 -3.57 1.23 22.15
N VAL B 270 -2.85 1.03 21.04
CA VAL B 270 -3.39 1.36 19.73
C VAL B 270 -4.64 0.54 19.45
N LYS B 271 -4.55 -0.76 19.74
CA LYS B 271 -5.72 -1.60 19.54
C LYS B 271 -6.87 -1.16 20.45
N GLU B 272 -6.55 -0.78 21.69
CA GLU B 272 -7.60 -0.28 22.56
C GLU B 272 -8.24 0.97 21.98
N ASN B 273 -7.45 1.86 21.37
CA ASN B 273 -8.06 3.05 20.77
C ASN B 273 -8.86 2.72 19.51
N MET B 274 -8.44 1.70 18.74
CA MET B 274 -9.29 1.26 17.63
C MET B 274 -10.62 0.75 18.14
N LYS B 275 -10.60 0.01 19.24
CA LYS B 275 -11.88 -0.45 19.79
C LYS B 275 -12.77 0.72 20.20
N ALA B 276 -12.17 1.81 20.69
CA ALA B 276 -12.97 2.98 21.09
C ALA B 276 -13.55 3.66 19.86
N VAL B 277 -12.77 3.69 18.78
CA VAL B 277 -13.25 4.25 17.51
C VAL B 277 -14.41 3.42 17.00
N LEU B 278 -14.29 2.10 17.11
CA LEU B 278 -15.38 1.25 16.66
C LEU B 278 -16.63 1.47 17.51
N THR B 279 -16.47 1.62 18.82
CA THR B 279 -17.64 1.88 19.67
C THR B 279 -18.42 3.12 19.20
N ASP B 280 -17.71 4.17 18.79
CA ASP B 280 -18.36 5.41 18.39
C ASP B 280 -18.90 5.34 16.97
N ILE B 281 -18.39 4.43 16.17
CA ILE B 281 -19.07 4.13 14.90
C ILE B 281 -20.39 3.40 15.16
N GLN B 282 -20.35 2.35 15.96
CA GLN B 282 -21.58 1.54 16.14
C GLN B 282 -22.69 2.31 16.83
N ASN B 283 -22.37 3.21 17.74
CA ASN B 283 -23.46 3.81 18.54
C ASN B 283 -24.02 5.10 17.95
N GLY B 284 -23.60 5.49 16.76
CA GLY B 284 -24.13 6.68 16.14
C GLY B 284 -23.34 7.95 16.46
N ASN B 285 -22.34 7.89 17.33
CA ASN B 285 -21.58 9.12 17.66
C ASN B 285 -20.83 9.67 16.44
N PHE B 286 -20.20 8.81 15.64
CA PHE B 286 -19.55 9.32 14.43
C PHE B 286 -20.57 9.87 13.45
N SER B 287 -21.64 9.14 13.19
CA SER B 287 -22.55 9.62 12.18
C SER B 287 -23.26 10.91 12.64
N ASN B 288 -23.56 11.05 13.94
CA ASN B 288 -24.14 12.30 14.44
C ASN B 288 -23.16 13.46 14.25
N ARG B 289 -21.88 13.23 14.51
CA ARG B 289 -20.92 14.33 14.33
C ARG B 289 -20.81 14.77 12.88
N PHE B 290 -20.77 13.80 11.95
CA PHE B 290 -20.65 14.11 10.53
C PHE B 290 -21.89 14.80 10.00
N ILE B 291 -23.06 14.29 10.35
CA ILE B 291 -24.30 14.88 9.84
C ILE B 291 -24.47 16.29 10.39
N GLU B 292 -24.18 16.48 11.66
CA GLU B 292 -24.38 17.80 12.24
C GLU B 292 -23.40 18.80 11.65
N ASP B 293 -22.15 18.37 11.43
CA ASP B 293 -21.19 19.30 10.78
C ASP B 293 -21.68 19.71 9.39
N ASN B 294 -22.14 18.75 8.59
CA ASN B 294 -22.72 19.12 7.30
C ASN B 294 -23.85 20.18 7.47
N LYS B 295 -24.74 20.02 8.45
CA LYS B 295 -25.82 21.01 8.64
C LYS B 295 -25.30 22.40 9.00
N ASN B 296 -24.11 22.48 9.59
CA ASN B 296 -23.44 23.71 9.97
C ASN B 296 -22.41 24.16 8.95
N GLY B 297 -22.58 23.79 7.69
CA GLY B 297 -21.68 24.24 6.66
C GLY B 297 -20.32 23.56 6.60
N PHE B 298 -20.15 22.39 7.23
CA PHE B 298 -18.87 21.65 7.23
C PHE B 298 -17.74 22.46 7.86
N LYS B 299 -18.05 23.29 8.88
CA LYS B 299 -17.03 24.11 9.52
C LYS B 299 -15.91 23.27 10.11
N GLU B 300 -16.25 22.20 10.84
CA GLU B 300 -15.18 21.35 11.39
C GLU B 300 -14.38 20.73 10.26
N PHE B 301 -15.09 20.17 9.28
CA PHE B 301 -14.44 19.45 8.16
C PHE B 301 -13.44 20.35 7.45
N TYR B 302 -13.84 21.59 7.17
CA TYR B 302 -12.95 22.47 6.41
C TYR B 302 -11.73 22.87 7.21
N LYS B 303 -11.91 23.15 8.51
CA LYS B 303 -10.78 23.43 9.41
C LYS B 303 -9.84 22.23 9.49
N LEU B 304 -10.39 21.02 9.70
CA LEU B 304 -9.54 19.83 9.81
C LEU B 304 -8.80 19.60 8.52
N ARG B 305 -9.43 19.87 7.38
CA ARG B 305 -8.72 19.68 6.12
C ARG B 305 -7.54 20.66 6.02
N GLU B 306 -7.73 21.87 6.53
CA GLU B 306 -6.62 22.83 6.55
C GLU B 306 -5.54 22.39 7.51
N GLU B 307 -5.94 21.89 8.68
CA GLU B 307 -4.96 21.48 9.69
C GLU B 307 -3.99 20.41 9.17
N GLN B 308 -4.28 19.77 8.00
CA GLN B 308 -3.30 18.88 7.37
C GLN B 308 -3.05 19.16 5.88
N HIS B 309 -3.52 20.25 5.32
CA HIS B 309 -3.19 20.62 3.95
C HIS B 309 -1.73 21.11 3.88
N GLY B 310 -1.09 20.91 2.74
CA GLY B 310 0.25 21.49 2.57
C GLY B 310 1.36 20.96 3.46
N HIS B 311 1.35 19.67 3.73
CA HIS B 311 2.48 19.03 4.37
C HIS B 311 3.78 19.23 3.56
N GLN B 312 4.89 19.10 4.25
CA GLN B 312 6.14 18.97 3.52
C GLN B 312 6.14 17.70 2.65
N ILE B 313 5.50 16.62 3.14
CA ILE B 313 5.49 15.35 2.42
C ILE B 313 4.79 15.52 1.09
N GLU B 314 3.79 16.40 1.01
CA GLU B 314 3.10 16.61 -0.25
C GLU B 314 3.96 17.41 -1.22
N LYS B 315 4.77 18.36 -0.73
CA LYS B 315 5.62 19.12 -1.65
C LYS B 315 6.81 18.29 -2.13
N VAL B 316 7.49 17.62 -1.19
CA VAL B 316 8.57 16.70 -1.53
C VAL B 316 8.09 15.66 -2.54
N GLY B 317 6.91 15.08 -2.28
CA GLY B 317 6.44 13.99 -3.11
C GLY B 317 6.07 14.41 -4.52
N ARG B 318 5.46 15.58 -4.66
CA ARG B 318 5.04 15.94 -6.01
C ARG B 318 6.25 16.26 -6.89
N GLU B 319 7.32 16.82 -6.31
CA GLU B 319 8.55 17.06 -7.07
C GLU B 319 9.21 15.74 -7.49
N LEU B 320 9.24 14.75 -6.61
CA LEU B 320 9.83 13.47 -7.00
C LEU B 320 8.96 12.72 -8.02
N ARG B 321 7.62 12.75 -7.84
CA ARG B 321 6.74 11.99 -8.73
C ARG B 321 6.73 12.59 -10.13
N GLU B 322 6.92 13.91 -10.22
CA GLU B 322 6.97 14.57 -11.52
C GLU B 322 8.08 14.01 -12.41
N MET B 323 9.22 13.64 -11.83
CA MET B 323 10.35 13.17 -12.62
C MET B 323 10.30 11.70 -12.97
N MET B 324 9.42 10.92 -12.34
CA MET B 324 9.36 9.50 -12.62
C MET B 324 8.48 9.28 -13.86
N PRO B 325 9.06 8.96 -15.01
CA PRO B 325 8.24 8.83 -16.24
C PRO B 325 7.16 7.78 -16.15
N PHE B 326 7.32 6.78 -15.28
CA PHE B 326 6.37 5.67 -15.18
C PHE B 326 5.21 5.96 -14.23
N ILE B 327 5.22 7.10 -13.54
CA ILE B 327 4.10 7.48 -12.68
C ILE B 327 3.19 8.47 -13.38
N LYS B 328 3.75 9.52 -13.95
CA LYS B 328 2.92 10.58 -14.53
C LYS B 328 2.34 10.16 -15.87
#